data_7XXB
#
_entry.id   7XXB
#
_cell.length_a   1.00
_cell.length_b   1.00
_cell.length_c   1.00
_cell.angle_alpha   90.00
_cell.angle_beta   90.00
_cell.angle_gamma   90.00
#
_symmetry.space_group_name_H-M   'P 1'
#
loop_
_entity.id
_entity.type
_entity.pdbx_description
1 polymer 'Auxin efflux carrier component 3'
2 non-polymer '1H-INDOL-3-YLACETIC ACID'
#
_entity_poly.entity_id   1
_entity_poly.type   'polypeptide(L)'
_entity_poly.pdbx_seq_one_letter_code
;DYKDDDDKWSHPQFEKGGGGSGGSAWSHPQFEKEFKGLVDMISWHDLYTVLTAVIPLYVAMILAYGSVRWWKIFSPDQCS
GINRFVAIFAVPLLSFHFISTNNPYAMNLRFIAADTLQKIIMLSLLVLWANFTRSGSLEWSITIFSLSTLPNTLVMGIPL
LIAMYGEYSGSLMVQIVVLQCIIWYTLLLFLFEFRGAKMLIMEQFPETAASIVSFKVESDVVSLDGHDFLETDAEIGDDG
KLHVTVRKSNASRRSFCGPNMTPRPSNLTGAEIYSLSTTPRGSNFNHSDFYNMMGFPGGRLSNFGPADMYSVQSSRGPTP
RPSNFEENCAMASSPRFGYYPGGGAGSYPAPNPEFSSTTTSTANKSVNKNPKDVNTNQQTTLPTGGKSNSHDAKELHMFV
WSSNGSPVSDRAGLNVFGGAPDNDQGGRSDQGAKEIRMLVPDQSHNGETKAVAHPASGDFGGEQQFSFAGKEEEAERPKD
AENGLNKLAPNSTAALQSKTGLGGAEASQRKNMPPASVMTRLILIMVWRKLIRNPNTYSSLIGLIWALVAFRWHVAMPKI
IQQSISILSDAGLGMAMFSLGLFMALQPKLIACGNSVATFAMAVRFLTGPAVMAVAAIAIGLRGDLLRVAIVQAALPQGI
VPFVFAKEYNVHPAILSTGVIFGMLIALPITLVYYILLGL
;
_entity_poly.pdbx_strand_id   A,B
#
loop_
_chem_comp.id
_chem_comp.type
_chem_comp.name
_chem_comp.formula
IAC non-polymer '1H-INDOL-3-YLACETIC ACID' 'C10 H9 N O2'
#
# COMPACT_ATOMS: atom_id res chain seq x y z
N SER A 43 22.08 15.98 -25.05
CA SER A 43 21.83 14.54 -24.91
C SER A 43 20.41 14.30 -24.43
N TRP A 44 19.44 14.49 -25.33
CA TRP A 44 18.04 14.33 -24.96
C TRP A 44 17.70 12.89 -24.59
N HIS A 45 18.50 11.92 -25.02
CA HIS A 45 18.28 10.55 -24.58
C HIS A 45 18.50 10.41 -23.08
N ASP A 46 19.53 11.07 -22.54
CA ASP A 46 19.74 11.07 -21.10
C ASP A 46 18.56 11.72 -20.38
N LEU A 47 18.04 12.81 -20.94
CA LEU A 47 16.86 13.44 -20.36
C LEU A 47 15.69 12.47 -20.34
N TYR A 48 15.49 11.74 -21.44
CA TYR A 48 14.39 10.78 -21.48
C TYR A 48 14.61 9.65 -20.48
N THR A 49 15.85 9.20 -20.30
CA THR A 49 16.12 8.16 -19.31
C THR A 49 15.78 8.65 -17.90
N VAL A 50 16.19 9.87 -17.58
CA VAL A 50 15.87 10.44 -16.27
C VAL A 50 14.36 10.55 -16.11
N LEU A 51 13.68 11.01 -17.15
CA LEU A 51 12.22 11.10 -17.10
C LEU A 51 11.60 9.73 -16.89
N THR A 52 12.09 8.71 -17.59
CA THR A 52 11.57 7.37 -17.41
C THR A 52 11.74 6.91 -15.97
N ALA A 53 12.88 7.23 -15.36
CA ALA A 53 13.16 6.75 -14.02
C ALA A 53 12.35 7.50 -12.96
N VAL A 54 12.04 8.78 -13.22
CA VAL A 54 11.49 9.63 -12.17
C VAL A 54 9.98 9.82 -12.31
N ILE A 55 9.47 9.83 -13.53
CA ILE A 55 8.07 10.16 -13.82
C ILE A 55 7.12 9.10 -13.26
N PRO A 56 7.51 7.83 -13.14
CA PRO A 56 6.59 6.89 -12.45
C PRO A 56 6.23 7.35 -11.05
N LEU A 57 7.20 7.91 -10.33
CA LEU A 57 6.94 8.43 -8.99
C LEU A 57 5.90 9.54 -9.04
N TYR A 58 6.01 10.42 -10.04
CA TYR A 58 5.04 11.50 -10.17
C TYR A 58 3.70 11.00 -10.66
N VAL A 59 3.67 9.92 -11.44
CA VAL A 59 2.40 9.32 -11.81
C VAL A 59 1.69 8.83 -10.56
N ALA A 60 2.42 8.14 -9.68
CA ALA A 60 1.81 7.67 -8.43
C ALA A 60 1.38 8.85 -7.56
N MET A 61 2.24 9.87 -7.45
CA MET A 61 1.94 11.02 -6.60
C MET A 61 0.71 11.77 -7.10
N ILE A 62 0.62 12.00 -8.41
CA ILE A 62 -0.53 12.69 -8.98
C ILE A 62 -1.76 11.80 -8.93
N LEU A 63 -1.60 10.49 -9.03
CA LEU A 63 -2.74 9.59 -8.87
C LEU A 63 -3.34 9.73 -7.48
N ALA A 64 -2.49 9.76 -6.44
CA ALA A 64 -3.00 9.96 -5.09
C ALA A 64 -3.61 11.35 -4.93
N TYR A 65 -2.96 12.37 -5.51
CA TYR A 65 -3.47 13.73 -5.40
C TYR A 65 -4.86 13.85 -6.02
N GLY A 66 -5.03 13.27 -7.21
CA GLY A 66 -6.34 13.27 -7.83
C GLY A 66 -7.36 12.44 -7.06
N SER A 67 -6.91 11.30 -6.52
CA SER A 67 -7.80 10.47 -5.72
C SER A 67 -8.36 11.25 -4.55
N VAL A 68 -7.57 12.13 -3.95
CA VAL A 68 -8.07 12.87 -2.80
C VAL A 68 -8.78 14.16 -3.19
N ARG A 69 -8.38 14.80 -4.28
CA ARG A 69 -8.91 16.10 -4.68
C ARG A 69 -9.90 16.02 -5.83
N TRP A 70 -9.52 15.37 -6.93
CA TRP A 70 -10.39 15.31 -8.10
C TRP A 70 -11.46 14.23 -7.92
N TRP A 71 -11.05 12.99 -7.72
CA TRP A 71 -11.99 11.87 -7.63
C TRP A 71 -12.44 11.59 -6.21
N LYS A 72 -11.81 12.19 -5.21
CA LYS A 72 -12.21 12.06 -3.82
C LYS A 72 -12.43 10.59 -3.44
N ILE A 73 -11.47 9.75 -3.82
CA ILE A 73 -11.56 8.33 -3.52
C ILE A 73 -11.27 8.04 -2.05
N PHE A 74 -10.50 8.88 -1.37
CA PHE A 74 -10.04 8.61 -0.02
C PHE A 74 -10.55 9.68 0.95
N SER A 75 -10.93 9.23 2.13
CA SER A 75 -11.25 10.14 3.23
C SER A 75 -9.97 10.59 3.91
N PRO A 76 -10.00 11.74 4.60
CA PRO A 76 -8.79 12.18 5.32
C PRO A 76 -8.25 11.14 6.28
N ASP A 77 -9.12 10.43 7.00
CA ASP A 77 -8.65 9.41 7.92
C ASP A 77 -8.14 8.18 7.17
N GLN A 78 -8.78 7.84 6.05
CA GLN A 78 -8.26 6.76 5.21
C GLN A 78 -6.89 7.12 4.64
N CYS A 79 -6.72 8.39 4.23
CA CYS A 79 -5.42 8.85 3.81
C CYS A 79 -4.40 8.74 4.94
N SER A 80 -4.81 9.09 6.16
CA SER A 80 -3.92 8.96 7.30
C SER A 80 -3.55 7.51 7.54
N GLY A 81 -4.50 6.59 7.34
CA GLY A 81 -4.18 5.18 7.49
C GLY A 81 -3.19 4.70 6.45
N ILE A 82 -3.36 5.12 5.21
CA ILE A 82 -2.38 4.78 4.17
C ILE A 82 -1.01 5.34 4.54
N ASN A 83 -0.98 6.58 5.01
CA ASN A 83 0.29 7.19 5.39
C ASN A 83 0.95 6.45 6.54
N ARG A 84 0.15 6.02 7.53
CA ARG A 84 0.71 5.28 8.64
C ARG A 84 1.26 3.94 8.20
N PHE A 85 0.54 3.22 7.34
CA PHE A 85 1.08 1.99 6.79
C PHE A 85 2.40 2.26 6.09
N VAL A 86 2.45 3.31 5.27
CA VAL A 86 3.69 3.66 4.58
C VAL A 86 4.81 3.80 5.61
N ALA A 87 4.65 4.75 6.53
CA ALA A 87 5.71 5.11 7.46
C ALA A 87 6.14 3.91 8.31
N ILE A 88 5.24 2.98 8.59
CA ILE A 88 5.58 1.90 9.51
C ILE A 88 6.13 0.66 8.80
N PHE A 89 5.68 0.39 7.57
CA PHE A 89 6.07 -0.84 6.88
C PHE A 89 6.83 -0.56 5.59
N ALA A 90 6.31 0.32 4.74
CA ALA A 90 6.86 0.43 3.39
C ALA A 90 8.20 1.15 3.40
N VAL A 91 8.33 2.20 4.18
CA VAL A 91 9.55 3.00 4.22
C VAL A 91 10.61 2.28 5.05
N PRO A 92 10.29 1.78 6.25
CA PRO A 92 11.29 0.99 6.98
C PRO A 92 11.76 -0.23 6.24
N LEU A 93 10.86 -0.94 5.55
CA LEU A 93 11.27 -2.13 4.81
C LEU A 93 12.09 -1.76 3.57
N LEU A 94 11.73 -0.68 2.90
CA LEU A 94 12.54 -0.20 1.78
C LEU A 94 13.93 0.20 2.24
N SER A 95 14.02 0.89 3.38
CA SER A 95 15.30 1.27 3.93
C SER A 95 16.12 0.03 4.30
N PHE A 96 15.48 -0.97 4.90
CA PHE A 96 16.18 -2.20 5.22
C PHE A 96 16.71 -2.87 3.96
N HIS A 97 15.88 -2.93 2.92
CA HIS A 97 16.30 -3.51 1.65
C HIS A 97 17.55 -2.82 1.12
N PHE A 98 17.48 -1.48 1.02
CA PHE A 98 18.60 -0.75 0.44
C PHE A 98 19.85 -0.87 1.30
N ILE A 99 19.71 -0.77 2.62
CA ILE A 99 20.88 -0.83 3.50
C ILE A 99 21.51 -2.22 3.48
N SER A 100 20.68 -3.26 3.39
CA SER A 100 21.21 -4.63 3.42
C SER A 100 21.83 -5.03 2.10
N THR A 101 21.36 -4.47 0.98
CA THR A 101 21.89 -4.91 -0.31
C THR A 101 23.22 -4.26 -0.69
N ASN A 102 23.75 -3.32 0.10
CA ASN A 102 25.08 -2.78 -0.15
C ASN A 102 26.01 -3.16 0.98
N ASN A 103 27.25 -3.46 0.63
CA ASN A 103 28.25 -3.82 1.62
C ASN A 103 28.82 -2.57 2.28
N PRO A 104 28.82 -2.47 3.61
CA PRO A 104 29.44 -1.28 4.25
C PRO A 104 30.93 -1.22 4.09
N TYR A 105 31.59 -2.33 3.74
CA TYR A 105 33.04 -2.35 3.60
C TYR A 105 33.53 -1.70 2.32
N ALA A 106 32.65 -1.50 1.34
CA ALA A 106 33.01 -0.83 0.09
C ALA A 106 32.53 0.62 0.07
N MET A 107 32.13 1.16 1.21
CA MET A 107 31.71 2.55 1.27
C MET A 107 32.82 3.46 0.79
N ASN A 108 32.46 4.46 0.00
CA ASN A 108 33.40 5.47 -0.46
C ASN A 108 33.61 6.46 0.67
N LEU A 109 34.74 6.33 1.37
CA LEU A 109 34.97 7.15 2.56
C LEU A 109 35.02 8.64 2.23
N ARG A 110 35.54 8.99 1.06
CA ARG A 110 35.64 10.42 0.72
C ARG A 110 34.25 11.03 0.52
N PHE A 111 33.33 10.30 -0.09
CA PHE A 111 31.97 10.79 -0.25
C PHE A 111 31.30 10.98 1.11
N ILE A 112 31.48 10.02 2.01
CA ILE A 112 30.94 10.13 3.36
C ILE A 112 31.52 11.35 4.06
N ALA A 113 32.83 11.55 3.91
CA ALA A 113 33.47 12.70 4.53
C ALA A 113 32.92 14.00 3.96
N ALA A 114 32.67 14.04 2.66
CA ALA A 114 32.11 15.25 2.05
C ALA A 114 30.72 15.55 2.62
N ASP A 115 29.87 14.54 2.71
CA ASP A 115 28.53 14.76 3.26
C ASP A 115 28.60 15.21 4.71
N THR A 116 29.39 14.51 5.53
CA THR A 116 29.51 14.89 6.93
C THR A 116 30.14 16.25 7.09
N LEU A 117 31.02 16.65 6.17
CA LEU A 117 31.62 17.97 6.23
C LEU A 117 30.60 19.05 5.88
N GLN A 118 29.76 18.79 4.88
CA GLN A 118 28.67 19.71 4.60
C GLN A 118 27.82 19.91 5.84
N LYS A 119 27.43 18.83 6.50
CA LYS A 119 26.56 18.95 7.66
C LYS A 119 27.28 19.58 8.85
N ILE A 120 28.57 19.32 9.01
CA ILE A 120 29.33 19.95 10.08
C ILE A 120 29.45 21.45 9.84
N ILE A 121 29.68 21.85 8.59
CA ILE A 121 29.73 23.27 8.26
C ILE A 121 28.40 23.93 8.58
N MET A 122 27.30 23.28 8.18
CA MET A 122 25.98 23.82 8.48
C MET A 122 25.77 23.95 9.98
N LEU A 123 26.14 22.92 10.74
CA LEU A 123 25.94 22.95 12.19
C LEU A 123 26.79 24.03 12.84
N SER A 124 28.03 24.19 12.40
CA SER A 124 28.90 25.21 12.97
C SER A 124 28.36 26.61 12.68
N LEU A 125 27.95 26.86 11.43
CA LEU A 125 27.38 28.16 11.09
C LEU A 125 26.12 28.42 11.90
N LEU A 126 25.26 27.41 12.03
CA LEU A 126 24.03 27.59 12.80
C LEU A 126 24.32 27.84 14.27
N VAL A 127 25.32 27.17 14.83
CA VAL A 127 25.66 27.37 16.24
C VAL A 127 26.16 28.79 16.46
N LEU A 128 27.10 29.24 15.62
CA LEU A 128 27.63 30.58 15.81
C LEU A 128 26.59 31.64 15.47
N TRP A 129 25.60 31.31 14.64
CA TRP A 129 24.52 32.26 14.39
C TRP A 129 23.56 32.34 15.56
N ALA A 130 23.22 31.19 16.16
CA ALA A 130 22.28 31.17 17.26
C ALA A 130 22.86 31.75 18.54
N ASN A 131 24.15 31.51 18.80
CA ASN A 131 24.77 31.96 20.03
C ASN A 131 25.45 33.32 19.90
N PHE A 132 25.39 33.96 18.74
CA PHE A 132 25.98 35.28 18.54
C PHE A 132 25.08 36.15 17.69
N THR A 133 23.77 36.13 17.96
CA THR A 133 22.84 36.95 17.20
C THR A 133 21.59 37.19 18.04
N ARG A 134 21.00 38.36 17.86
CA ARG A 134 19.77 38.70 18.59
C ARG A 134 18.61 37.81 18.16
N SER A 135 18.45 37.61 16.86
CA SER A 135 17.42 36.73 16.32
C SER A 135 17.84 35.28 16.25
N GLY A 136 19.08 34.97 16.63
CA GLY A 136 19.51 33.58 16.63
C GLY A 136 18.59 32.72 17.48
N SER A 137 18.19 31.58 16.94
CA SER A 137 17.19 30.75 17.59
C SER A 137 17.53 29.28 17.37
N LEU A 138 16.94 28.42 18.20
CA LEU A 138 17.20 26.99 18.11
C LEU A 138 16.27 26.32 17.10
N GLU A 139 14.98 26.65 17.14
CA GLU A 139 14.06 26.06 16.16
C GLU A 139 14.45 26.44 14.74
N TRP A 140 14.84 27.69 14.54
CA TRP A 140 15.34 28.09 13.22
C TRP A 140 16.60 27.33 12.85
N SER A 141 17.47 27.09 13.83
CA SER A 141 18.66 26.30 13.57
C SER A 141 18.29 24.91 13.06
N ILE A 142 17.34 24.25 13.74
CA ILE A 142 16.97 22.89 13.37
C ILE A 142 16.33 22.88 11.98
N THR A 143 15.40 23.81 11.74
CA THR A 143 14.70 23.79 10.45
C THR A 143 15.65 24.14 9.31
N ILE A 144 16.59 25.06 9.54
CA ILE A 144 17.56 25.39 8.50
C ILE A 144 18.49 24.21 8.23
N PHE A 145 18.90 23.50 9.29
CA PHE A 145 19.70 22.30 9.10
C PHE A 145 18.96 21.29 8.24
N SER A 146 17.68 21.06 8.56
CA SER A 146 16.90 20.10 7.78
C SER A 146 16.77 20.54 6.33
N LEU A 147 16.47 21.83 6.09
CA LEU A 147 16.29 22.31 4.73
C LEU A 147 17.59 22.23 3.93
N SER A 148 18.71 22.61 4.54
CA SER A 148 19.96 22.77 3.82
C SER A 148 20.80 21.50 3.75
N THR A 149 20.45 20.45 4.51
CA THR A 149 21.32 19.28 4.58
C THR A 149 20.62 17.94 4.40
N LEU A 150 19.31 17.84 4.61
CA LEU A 150 18.61 16.56 4.65
C LEU A 150 17.67 16.44 3.46
N PRO A 151 18.15 16.04 2.29
CA PRO A 151 17.28 15.83 1.13
C PRO A 151 16.55 14.50 1.21
N ASN A 152 15.72 14.25 0.20
CA ASN A 152 15.01 12.99 0.11
C ASN A 152 15.92 12.08 -0.67
N THR A 153 16.72 11.30 0.04
CA THR A 153 17.70 10.41 -0.56
C THR A 153 17.18 9.00 -0.80
N LEU A 154 16.16 8.57 -0.07
CA LEU A 154 15.69 7.19 -0.17
C LEU A 154 14.72 7.02 -1.33
N VAL A 155 13.61 7.77 -1.30
CA VAL A 155 12.54 7.53 -2.26
C VAL A 155 12.94 8.00 -3.65
N MET A 156 13.21 9.30 -3.80
CA MET A 156 13.53 9.87 -5.10
C MET A 156 15.03 9.87 -5.39
N GLY A 157 15.85 10.02 -4.36
CA GLY A 157 17.28 10.17 -4.56
C GLY A 157 17.92 8.99 -5.25
N ILE A 158 17.71 7.77 -4.74
CA ILE A 158 18.36 6.60 -5.33
C ILE A 158 17.92 6.38 -6.77
N PRO A 159 16.62 6.32 -7.08
CA PRO A 159 16.24 6.15 -8.49
C PRO A 159 16.75 7.26 -9.38
N LEU A 160 16.58 8.52 -8.97
CA LEU A 160 17.02 9.62 -9.81
C LEU A 160 18.52 9.52 -10.09
N LEU A 161 19.33 9.41 -9.04
CA LEU A 161 20.77 9.45 -9.23
C LEU A 161 21.26 8.21 -9.98
N ILE A 162 20.59 7.06 -9.80
CA ILE A 162 20.94 5.90 -10.60
C ILE A 162 20.69 6.17 -12.07
N ALA A 163 19.55 6.77 -12.39
CA ALA A 163 19.27 7.10 -13.79
C ALA A 163 20.27 8.10 -14.33
N MET A 164 20.65 9.09 -13.52
CA MET A 164 21.44 10.20 -14.02
C MET A 164 22.90 9.80 -14.24
N TYR A 165 23.45 8.97 -13.35
CA TYR A 165 24.87 8.66 -13.38
C TYR A 165 25.18 7.16 -13.44
N GLY A 166 24.45 6.33 -12.69
CA GLY A 166 24.70 4.89 -12.74
C GLY A 166 24.48 4.18 -11.43
N GLU A 167 24.76 2.87 -11.42
CA GLU A 167 24.51 2.06 -10.24
C GLU A 167 25.38 2.49 -9.06
N TYR A 168 26.64 2.83 -9.32
CA TYR A 168 27.51 3.28 -8.24
C TYR A 168 26.91 4.49 -7.54
N SER A 169 26.23 5.35 -8.29
CA SER A 169 25.56 6.49 -7.68
C SER A 169 24.43 6.01 -6.77
N GLY A 170 23.74 4.95 -7.16
CA GLY A 170 22.74 4.37 -6.26
C GLY A 170 23.36 3.87 -4.97
N SER A 171 24.52 3.21 -5.07
CA SER A 171 25.21 2.76 -3.87
C SER A 171 25.60 3.94 -2.99
N LEU A 172 26.12 5.01 -3.60
CA LEU A 172 26.49 6.19 -2.84
C LEU A 172 25.27 6.81 -2.16
N MET A 173 24.14 6.86 -2.87
CA MET A 173 22.92 7.40 -2.29
C MET A 173 22.46 6.55 -1.12
N VAL A 174 22.61 5.23 -1.21
CA VAL A 174 22.21 4.36 -0.10
C VAL A 174 23.15 4.57 1.08
N GLN A 175 24.44 4.82 0.81
CA GLN A 175 25.36 5.16 1.89
C GLN A 175 24.91 6.44 2.59
N ILE A 176 24.53 7.45 1.82
CA ILE A 176 24.02 8.68 2.41
C ILE A 176 22.75 8.39 3.22
N VAL A 177 21.90 7.49 2.72
CA VAL A 177 20.66 7.17 3.42
C VAL A 177 20.97 6.56 4.78
N VAL A 178 21.83 5.54 4.81
CA VAL A 178 22.14 4.88 6.07
C VAL A 178 22.81 5.85 7.02
N LEU A 179 23.76 6.64 6.53
CA LEU A 179 24.46 7.60 7.39
C LEU A 179 23.48 8.60 7.96
N GLN A 180 22.56 9.09 7.14
CA GLN A 180 21.55 10.04 7.60
C GLN A 180 20.60 9.47 8.64
N CYS A 181 20.08 8.26 8.42
CA CYS A 181 19.14 7.68 9.37
C CYS A 181 19.83 7.28 10.67
N ILE A 182 21.13 6.97 10.61
CA ILE A 182 21.80 6.50 11.82
C ILE A 182 22.36 7.67 12.63
N ILE A 183 22.87 8.72 11.99
CA ILE A 183 23.59 9.80 12.66
C ILE A 183 22.76 11.08 12.73
N TRP A 184 22.30 11.56 11.57
CA TRP A 184 21.75 12.91 11.53
C TRP A 184 20.30 12.95 11.97
N TYR A 185 19.53 11.90 11.73
CA TYR A 185 18.19 11.85 12.30
C TYR A 185 18.24 11.65 13.81
N THR A 186 19.25 10.93 14.30
CA THR A 186 19.45 10.84 15.74
C THR A 186 19.88 12.18 16.32
N LEU A 187 20.69 12.95 15.58
CA LEU A 187 21.04 14.29 16.01
C LEU A 187 19.81 15.18 16.06
N LEU A 188 18.93 15.06 15.06
CA LEU A 188 17.66 15.77 15.10
C LEU A 188 16.85 15.37 16.33
N LEU A 189 16.85 14.07 16.66
CA LEU A 189 16.15 13.63 17.86
C LEU A 189 16.74 14.28 19.10
N PHE A 190 18.07 14.34 19.18
CA PHE A 190 18.72 14.98 20.32
C PHE A 190 18.30 16.44 20.42
N LEU A 191 18.31 17.15 19.30
CA LEU A 191 17.94 18.56 19.32
C LEU A 191 16.49 18.77 19.72
N PHE A 192 15.58 17.95 19.17
CA PHE A 192 14.17 18.11 19.48
C PHE A 192 13.88 17.76 20.93
N GLU A 193 14.51 16.71 21.46
CA GLU A 193 14.33 16.36 22.86
C GLU A 193 14.90 17.44 23.76
N PHE A 194 16.03 18.03 23.38
CA PHE A 194 16.56 19.14 24.16
C PHE A 194 15.59 20.32 24.15
N ARG A 195 14.99 20.62 23.01
CA ARG A 195 14.01 21.69 22.94
C ARG A 195 12.82 21.40 23.86
N GLY A 196 12.29 20.18 23.81
CA GLY A 196 11.18 19.83 24.67
C GLY A 196 11.53 19.90 26.14
N ALA A 197 12.69 19.37 26.50
CA ALA A 197 13.13 19.43 27.90
C ALA A 197 13.30 20.88 28.35
N LYS A 198 13.88 21.73 27.51
CA LYS A 198 14.08 23.12 27.89
C LYS A 198 12.75 23.83 28.06
N MET A 199 11.78 23.57 27.17
CA MET A 199 10.46 24.16 27.35
C MET A 199 9.83 23.71 28.65
N LEU A 200 9.92 22.42 28.96
CA LEU A 200 9.35 21.93 30.22
C LEU A 200 10.04 22.56 31.42
N ILE A 201 11.35 22.71 31.37
CA ILE A 201 12.07 23.32 32.49
C ILE A 201 11.65 24.78 32.66
N MET A 202 11.54 25.51 31.55
CA MET A 202 11.15 26.91 31.64
C MET A 202 9.70 27.08 32.08
N GLU A 203 8.86 26.07 31.83
CA GLU A 203 7.46 26.16 32.21
C GLU A 203 7.18 25.63 33.62
N GLN A 204 8.05 24.77 34.16
CA GLN A 204 7.80 24.11 35.44
C GLN A 204 8.55 24.77 36.59
N PHE A 205 9.88 24.83 36.51
CA PHE A 205 10.73 25.32 37.59
C PHE A 205 11.73 26.31 37.03
N PRO A 206 11.27 27.50 36.62
CA PRO A 206 12.21 28.49 36.06
C PRO A 206 13.09 29.14 37.11
N GLU A 207 12.54 29.34 38.32
CA GLU A 207 13.25 30.12 39.33
C GLU A 207 14.52 29.41 39.79
N THR A 208 14.48 28.10 39.99
CA THR A 208 15.59 27.35 40.57
C THR A 208 15.83 26.05 39.80
N ALA A 209 15.88 26.15 38.48
CA ALA A 209 16.20 24.98 37.67
C ALA A 209 17.64 24.51 37.89
N ALA A 210 18.52 25.41 38.36
CA ALA A 210 19.93 25.07 38.49
C ALA A 210 20.17 24.00 39.54
N SER A 211 19.30 23.92 40.55
CA SER A 211 19.52 22.98 41.65
C SER A 211 19.23 21.53 41.27
N ILE A 212 18.53 21.30 40.17
CA ILE A 212 18.15 19.94 39.80
C ILE A 212 19.40 19.13 39.49
N VAL A 213 19.45 17.90 40.01
CA VAL A 213 20.61 17.02 39.80
C VAL A 213 20.26 15.75 39.04
N SER A 214 19.01 15.28 39.06
CA SER A 214 18.67 14.02 38.41
C SER A 214 17.20 14.04 38.03
N PHE A 215 16.90 13.53 36.84
CA PHE A 215 15.53 13.36 36.37
C PHE A 215 15.17 11.88 36.36
N LYS A 216 13.95 11.57 36.76
CA LYS A 216 13.41 10.21 36.72
C LYS A 216 12.08 10.26 35.99
N VAL A 217 12.08 9.83 34.73
CA VAL A 217 10.90 9.84 33.89
C VAL A 217 10.28 8.46 33.89
N GLU A 218 9.00 8.37 34.24
CA GLU A 218 8.31 7.09 34.21
C GLU A 218 8.17 6.59 32.77
N SER A 219 8.23 5.27 32.61
CA SER A 219 8.28 4.70 31.26
C SER A 219 7.04 5.04 30.43
N ASP A 220 5.95 5.45 31.08
CA ASP A 220 4.75 5.82 30.33
C ASP A 220 5.01 7.01 29.42
N VAL A 221 5.93 7.90 29.81
CA VAL A 221 6.24 9.09 29.03
C VAL A 221 7.13 8.69 27.86
N VAL A 222 6.53 8.48 26.69
CA VAL A 222 7.27 7.99 25.53
C VAL A 222 8.23 9.06 25.01
N SER A 223 7.77 10.31 24.92
CA SER A 223 8.57 11.37 24.32
C SER A 223 8.12 12.71 24.90
N LEU A 224 8.97 13.72 24.72
CA LEU A 224 8.68 15.08 25.15
C LEU A 224 8.17 15.93 24.00
N ASP A 225 7.37 15.33 23.11
CA ASP A 225 6.85 16.07 21.96
C ASP A 225 6.03 17.28 22.41
N GLY A 226 5.19 17.10 23.42
CA GLY A 226 4.32 18.14 23.92
C GLY A 226 2.85 17.88 23.71
N HIS A 227 2.49 16.77 23.06
CA HIS A 227 1.07 16.46 22.87
C HIS A 227 0.38 16.24 24.21
N ASP A 228 1.02 15.53 25.12
CA ASP A 228 0.48 15.25 26.44
C ASP A 228 1.13 16.16 27.48
N PHE A 229 0.36 16.49 28.51
CA PHE A 229 0.86 17.34 29.59
C PHE A 229 1.67 16.51 30.57
N LEU A 230 2.84 17.01 30.94
CA LEU A 230 3.77 16.31 31.81
C LEU A 230 3.84 17.04 33.15
N GLU A 231 3.36 16.38 34.20
CA GLU A 231 3.45 16.92 35.54
C GLU A 231 4.85 16.68 36.11
N THR A 232 5.27 17.56 37.02
CA THR A 232 6.58 17.49 37.63
C THR A 232 6.48 17.68 39.13
N ASP A 233 7.27 16.90 39.87
CA ASP A 233 7.36 16.99 41.32
C ASP A 233 8.82 17.14 41.72
N ALA A 234 9.08 18.01 42.70
CA ALA A 234 10.42 18.29 43.18
C ALA A 234 10.53 17.90 44.65
N GLU A 235 11.55 17.12 44.97
CA GLU A 235 11.81 16.67 46.34
C GLU A 235 13.22 17.07 46.74
N ILE A 236 13.35 17.64 47.94
CA ILE A 236 14.63 18.08 48.46
C ILE A 236 15.28 16.92 49.19
N GLY A 237 16.52 16.60 48.81
CA GLY A 237 17.24 15.50 49.40
C GLY A 237 17.85 15.86 50.75
N ASP A 238 18.49 14.85 51.36
CA ASP A 238 19.10 15.05 52.66
C ASP A 238 20.23 16.07 52.61
N ASP A 239 21.04 16.04 51.54
CA ASP A 239 22.17 16.94 51.41
C ASP A 239 21.79 18.30 50.81
N GLY A 240 20.52 18.67 50.88
CA GLY A 240 20.07 19.92 50.29
C GLY A 240 19.92 19.90 48.79
N LYS A 241 20.01 18.73 48.16
CA LYS A 241 19.89 18.60 46.72
C LYS A 241 18.43 18.44 46.33
N LEU A 242 18.13 18.72 45.07
CA LEU A 242 16.78 18.67 44.54
C LEU A 242 16.70 17.61 43.45
N HIS A 243 15.69 16.75 43.54
CA HIS A 243 15.42 15.71 42.55
C HIS A 243 14.04 15.91 41.96
N VAL A 244 13.95 15.84 40.63
CA VAL A 244 12.70 16.08 39.91
C VAL A 244 12.23 14.79 39.28
N THR A 245 10.91 14.57 39.36
CA THR A 245 10.26 13.43 38.72
C THR A 245 9.16 13.95 37.82
N VAL A 246 9.14 13.50 36.57
CA VAL A 246 8.17 13.95 35.58
C VAL A 246 7.37 12.75 35.13
N ARG A 247 6.04 12.90 35.12
CA ARG A 247 5.13 11.83 34.76
C ARG A 247 4.01 12.39 33.90
N LYS A 248 3.17 11.50 33.38
CA LYS A 248 2.08 11.90 32.50
C LYS A 248 0.85 12.30 33.31
N SER A 249 0.23 13.41 32.94
CA SER A 249 -0.98 13.87 33.60
C SER A 249 -2.21 13.23 32.97
N LYS A 511 15.90 31.85 34.74
CA LYS A 511 16.57 31.58 33.48
C LYS A 511 17.98 31.07 33.72
N ASN A 512 18.08 29.84 34.25
CA ASN A 512 19.36 29.22 34.51
C ASN A 512 19.36 27.79 33.97
N MET A 513 20.53 27.34 33.54
CA MET A 513 20.68 25.99 33.02
C MET A 513 21.22 25.06 34.09
N PRO A 514 20.61 23.90 34.34
CA PRO A 514 21.21 22.94 35.26
C PRO A 514 22.49 22.36 34.68
N PRO A 515 23.22 21.56 35.46
CA PRO A 515 24.49 21.04 34.97
C PRO A 515 24.33 20.29 33.67
N ALA A 516 25.43 20.23 32.91
CA ALA A 516 25.40 19.53 31.62
C ALA A 516 25.10 18.05 31.81
N SER A 517 25.56 17.47 32.93
CA SER A 517 25.35 16.04 33.15
C SER A 517 23.87 15.71 33.30
N VAL A 518 23.12 16.55 34.02
CA VAL A 518 21.71 16.26 34.27
C VAL A 518 20.92 16.28 32.96
N MET A 519 21.10 17.34 32.18
CA MET A 519 20.41 17.43 30.90
C MET A 519 20.87 16.33 29.95
N THR A 520 22.16 15.99 29.98
CA THR A 520 22.66 14.90 29.15
C THR A 520 21.96 13.60 29.50
N ARG A 521 21.82 13.30 30.80
CA ARG A 521 21.15 12.08 31.21
C ARG A 521 19.70 12.08 30.75
N LEU A 522 18.98 13.17 30.98
CA LEU A 522 17.58 13.23 30.58
C LEU A 522 17.44 13.02 29.08
N ILE A 523 18.22 13.75 28.29
CA ILE A 523 18.11 13.66 26.85
C ILE A 523 18.50 12.29 26.35
N LEU A 524 19.55 11.69 26.94
CA LEU A 524 19.98 10.37 26.51
C LEU A 524 18.89 9.33 26.75
N ILE A 525 18.29 9.34 27.96
CA ILE A 525 17.26 8.36 28.23
C ILE A 525 16.05 8.57 27.33
N MET A 526 15.66 9.83 27.12
CA MET A 526 14.47 10.08 26.31
C MET A 526 14.73 9.73 24.85
N VAL A 527 15.94 10.00 24.35
CA VAL A 527 16.30 9.63 22.99
C VAL A 527 16.32 8.12 22.83
N TRP A 528 16.82 7.40 23.83
CA TRP A 528 16.76 5.95 23.77
C TRP A 528 15.31 5.47 23.72
N ARG A 529 14.44 6.06 24.54
CA ARG A 529 13.06 5.62 24.56
C ARG A 529 12.33 5.94 23.26
N LYS A 530 12.75 6.97 22.53
CA LYS A 530 12.09 7.21 21.25
C LYS A 530 12.73 6.39 20.14
N LEU A 531 14.03 6.08 20.25
CA LEU A 531 14.69 5.24 19.26
C LEU A 531 14.17 3.81 19.30
N ILE A 532 13.95 3.25 20.49
CA ILE A 532 13.47 1.87 20.58
C ILE A 532 12.05 1.72 20.07
N ARG A 533 11.40 2.82 19.66
CA ARG A 533 10.06 2.77 19.10
C ARG A 533 9.99 3.38 17.71
N ASN A 534 11.13 3.60 17.07
CA ASN A 534 11.17 4.18 15.73
C ASN A 534 11.35 3.06 14.72
N PRO A 535 10.38 2.81 13.82
CA PRO A 535 10.58 1.72 12.85
C PRO A 535 11.82 1.90 12.01
N ASN A 536 12.15 3.13 11.61
CA ASN A 536 13.32 3.35 10.78
C ASN A 536 14.61 3.06 11.53
N THR A 537 14.64 3.27 12.84
CA THR A 537 15.83 2.94 13.62
C THR A 537 16.11 1.44 13.55
N TYR A 538 15.10 0.61 13.84
CA TYR A 538 15.29 -0.83 13.76
C TYR A 538 15.61 -1.24 12.33
N SER A 539 14.94 -0.66 11.34
CA SER A 539 15.24 -0.98 9.96
C SER A 539 16.72 -0.76 9.66
N SER A 540 17.23 0.44 9.96
CA SER A 540 18.60 0.77 9.63
C SER A 540 19.59 -0.08 10.41
N LEU A 541 19.36 -0.24 11.72
CA LEU A 541 20.26 -1.08 12.51
C LEU A 541 20.29 -2.50 11.97
N ILE A 542 19.15 -3.19 11.99
CA ILE A 542 19.11 -4.59 11.55
C ILE A 542 19.69 -4.71 10.16
N GLY A 543 19.43 -3.73 9.28
CA GLY A 543 20.02 -3.77 7.96
C GLY A 543 21.53 -3.70 8.00
N LEU A 544 22.08 -2.83 8.85
CA LEU A 544 23.53 -2.71 8.95
C LEU A 544 24.15 -3.99 9.49
N ILE A 545 23.57 -4.56 10.54
CA ILE A 545 24.10 -5.81 11.08
C ILE A 545 24.01 -6.93 10.05
N TRP A 546 22.88 -7.03 9.35
CA TRP A 546 22.76 -8.08 8.34
C TRP A 546 23.74 -7.86 7.20
N ALA A 547 23.94 -6.62 6.77
CA ALA A 547 24.90 -6.35 5.71
C ALA A 547 26.31 -6.73 6.15
N LEU A 548 26.68 -6.37 7.38
CA LEU A 548 27.99 -6.71 7.88
C LEU A 548 28.21 -8.22 7.90
N VAL A 549 27.24 -8.96 8.44
CA VAL A 549 27.40 -10.41 8.55
C VAL A 549 27.36 -11.07 7.18
N ALA A 550 26.51 -10.59 6.28
CA ALA A 550 26.32 -11.20 4.97
C ALA A 550 27.40 -10.82 3.97
N PHE A 551 28.16 -9.77 4.23
CA PHE A 551 29.27 -9.40 3.37
C PHE A 551 30.63 -9.70 3.97
N ARG A 552 30.68 -10.07 5.26
CA ARG A 552 31.91 -10.59 5.85
C ARG A 552 32.01 -12.11 5.65
N TRP A 553 30.90 -12.82 5.79
CA TRP A 553 30.85 -14.26 5.58
C TRP A 553 30.15 -14.65 4.29
N HIS A 554 29.75 -13.68 3.46
CA HIS A 554 29.12 -13.96 2.17
C HIS A 554 27.89 -14.86 2.34
N VAL A 555 27.08 -14.54 3.34
CA VAL A 555 25.91 -15.35 3.68
C VAL A 555 24.67 -14.69 3.08
N ALA A 556 24.07 -15.36 2.11
CA ALA A 556 22.83 -14.88 1.50
C ALA A 556 21.64 -15.23 2.38
N MET A 557 20.70 -14.29 2.49
CA MET A 557 19.51 -14.55 3.28
C MET A 557 18.68 -15.65 2.65
N PRO A 558 18.05 -16.51 3.45
CA PRO A 558 17.21 -17.58 2.87
C PRO A 558 16.12 -17.00 1.99
N LYS A 559 15.83 -17.70 0.90
CA LYS A 559 14.88 -17.18 -0.09
C LYS A 559 13.51 -16.96 0.52
N ILE A 560 13.09 -17.81 1.47
CA ILE A 560 11.79 -17.63 2.08
C ILE A 560 11.72 -16.29 2.83
N ILE A 561 12.77 -15.98 3.60
CA ILE A 561 12.78 -14.71 4.33
C ILE A 561 12.96 -13.55 3.36
N GLN A 562 13.81 -13.72 2.36
CA GLN A 562 14.02 -12.66 1.38
C GLN A 562 12.72 -12.28 0.70
N GLN A 563 11.93 -13.27 0.28
CA GLN A 563 10.66 -12.98 -0.37
C GLN A 563 9.62 -12.48 0.62
N SER A 564 9.61 -13.01 1.84
CA SER A 564 8.69 -12.48 2.85
C SER A 564 8.92 -11.00 3.09
N ILE A 565 10.18 -10.55 3.01
CA ILE A 565 10.46 -9.13 3.15
C ILE A 565 10.14 -8.38 1.86
N SER A 566 10.52 -8.94 0.72
CA SER A 566 10.34 -8.25 -0.55
C SER A 566 8.86 -8.01 -0.87
N ILE A 567 7.98 -8.92 -0.44
CA ILE A 567 6.58 -8.79 -0.79
C ILE A 567 6.02 -7.46 -0.28
N LEU A 568 6.57 -6.95 0.82
CA LEU A 568 6.15 -5.66 1.36
C LEU A 568 7.13 -4.54 1.05
N SER A 569 8.40 -4.86 0.82
CA SER A 569 9.35 -3.83 0.39
C SER A 569 9.13 -3.44 -1.06
N ASP A 570 8.60 -4.34 -1.88
CA ASP A 570 8.27 -4.01 -3.27
C ASP A 570 7.20 -2.93 -3.34
N ALA A 571 6.38 -2.79 -2.31
CA ALA A 571 5.41 -1.72 -2.22
C ALA A 571 6.01 -0.45 -1.63
N GLY A 572 7.32 -0.31 -1.67
CA GLY A 572 7.99 0.82 -1.05
C GLY A 572 7.88 2.11 -1.84
N LEU A 573 8.45 2.12 -3.05
CA LEU A 573 8.44 3.33 -3.86
C LEU A 573 7.02 3.78 -4.16
N GLY A 574 6.18 2.85 -4.63
CA GLY A 574 4.83 3.21 -5.03
C GLY A 574 4.01 3.75 -3.89
N MET A 575 4.04 3.07 -2.74
CA MET A 575 3.26 3.53 -1.60
C MET A 575 3.82 4.80 -1.01
N ALA A 576 5.15 4.96 -1.01
CA ALA A 576 5.73 6.21 -0.54
C ALA A 576 5.24 7.39 -1.36
N MET A 577 5.30 7.26 -2.69
CA MET A 577 4.84 8.35 -3.54
C MET A 577 3.32 8.53 -3.45
N PHE A 578 2.57 7.44 -3.30
CA PHE A 578 1.13 7.55 -3.15
C PHE A 578 0.78 8.32 -1.88
N SER A 579 1.46 8.03 -0.77
CA SER A 579 1.19 8.74 0.48
C SER A 579 1.66 10.18 0.39
N LEU A 580 2.74 10.45 -0.34
CA LEU A 580 3.17 11.83 -0.53
C LEU A 580 2.12 12.60 -1.31
N GLY A 581 1.53 11.99 -2.34
CA GLY A 581 0.45 12.64 -3.05
C GLY A 581 -0.78 12.85 -2.19
N LEU A 582 -1.10 11.85 -1.35
CA LEU A 582 -2.20 12.01 -0.42
C LEU A 582 -1.97 13.20 0.51
N PHE A 583 -0.75 13.32 1.03
CA PHE A 583 -0.42 14.47 1.88
C PHE A 583 -0.52 15.78 1.12
N MET A 584 -0.01 15.81 -0.12
CA MET A 584 -0.15 17.01 -0.93
C MET A 584 -1.61 17.44 -1.03
N ALA A 585 -2.48 16.46 -1.31
CA ALA A 585 -3.90 16.79 -1.49
C ALA A 585 -4.54 17.22 -0.18
N LEU A 586 -4.20 16.55 0.92
CA LEU A 586 -4.86 16.86 2.19
C LEU A 586 -4.58 18.29 2.62
N GLN A 587 -3.34 18.74 2.50
CA GLN A 587 -2.98 20.07 2.94
C GLN A 587 -3.77 21.10 2.15
N PRO A 588 -4.50 22.01 2.81
CA PRO A 588 -5.27 23.02 2.05
C PRO A 588 -4.39 23.90 1.20
N LYS A 589 -3.14 24.12 1.60
CA LYS A 589 -2.19 24.92 0.86
C LYS A 589 -1.30 24.03 0.00
N LEU A 590 -0.60 24.66 -0.93
CA LEU A 590 0.54 24.07 -1.59
C LEU A 590 1.84 24.75 -1.19
N ILE A 591 1.83 26.08 -1.13
CA ILE A 591 2.89 26.84 -0.46
C ILE A 591 2.33 27.13 0.93
N ALA A 592 2.58 26.21 1.87
CA ALA A 592 1.92 26.25 3.16
C ALA A 592 2.56 27.23 4.14
N CYS A 593 3.73 27.79 3.82
CA CYS A 593 4.47 28.62 4.77
C CYS A 593 4.61 30.06 4.30
N GLY A 594 3.80 30.49 3.33
CA GLY A 594 3.89 31.85 2.84
C GLY A 594 4.87 31.98 1.69
N ASN A 595 4.58 32.89 0.76
CA ASN A 595 5.39 32.96 -0.46
C ASN A 595 6.83 33.36 -0.17
N SER A 596 7.04 34.35 0.68
CA SER A 596 8.40 34.85 0.92
C SER A 596 9.24 33.80 1.65
N VAL A 597 8.73 33.26 2.75
CA VAL A 597 9.51 32.29 3.50
C VAL A 597 9.59 30.97 2.74
N ALA A 598 8.57 30.63 1.95
CA ALA A 598 8.66 29.46 1.10
C ALA A 598 9.77 29.63 0.06
N THR A 599 9.88 30.83 -0.50
CA THR A 599 10.98 31.11 -1.42
C THR A 599 12.31 31.00 -0.71
N PHE A 600 12.38 31.47 0.53
CA PHE A 600 13.61 31.33 1.31
C PHE A 600 13.97 29.86 1.51
N ALA A 601 12.97 29.03 1.85
CA ALA A 601 13.23 27.61 2.06
C ALA A 601 13.67 26.93 0.77
N MET A 602 13.01 27.25 -0.35
CA MET A 602 13.42 26.69 -1.63
C MET A 602 14.84 27.12 -1.98
N ALA A 603 15.16 28.39 -1.75
CA ALA A 603 16.50 28.89 -2.04
C ALA A 603 17.54 28.16 -1.21
N VAL A 604 17.27 28.01 0.09
CA VAL A 604 18.18 27.26 0.95
C VAL A 604 18.38 25.86 0.39
N ARG A 605 17.29 25.11 0.25
CA ARG A 605 17.36 23.72 -0.20
C ARG A 605 18.16 23.58 -1.49
N PHE A 606 17.86 24.40 -2.49
CA PHE A 606 18.38 24.17 -3.84
C PHE A 606 19.62 24.99 -4.17
N LEU A 607 20.07 25.87 -3.28
CA LEU A 607 21.31 26.61 -3.50
C LEU A 607 22.32 26.41 -2.38
N THR A 608 21.92 26.60 -1.12
CA THR A 608 22.87 26.49 -0.02
C THR A 608 23.24 25.04 0.23
N GLY A 609 22.29 24.13 0.05
CA GLY A 609 22.56 22.71 0.12
C GLY A 609 23.61 22.34 -0.91
N PRO A 610 23.28 22.52 -2.19
CA PRO A 610 24.27 22.27 -3.24
C PRO A 610 25.55 23.10 -3.09
N ALA A 611 25.44 24.36 -2.68
CA ALA A 611 26.64 25.20 -2.60
C ALA A 611 27.55 24.77 -1.46
N VAL A 612 26.96 24.51 -0.28
CA VAL A 612 27.76 24.05 0.84
C VAL A 612 28.33 22.67 0.56
N MET A 613 27.54 21.81 -0.10
CA MET A 613 28.05 20.51 -0.50
C MET A 613 29.22 20.66 -1.46
N ALA A 614 29.14 21.62 -2.37
CA ALA A 614 30.24 21.85 -3.31
C ALA A 614 31.50 22.32 -2.59
N VAL A 615 31.37 23.29 -1.70
CA VAL A 615 32.56 23.76 -1.01
C VAL A 615 33.16 22.63 -0.18
N ALA A 616 32.32 21.85 0.50
CA ALA A 616 32.82 20.72 1.27
C ALA A 616 33.49 19.69 0.37
N ALA A 617 32.94 19.46 -0.82
CA ALA A 617 33.47 18.43 -1.71
C ALA A 617 34.81 18.83 -2.30
N ILE A 618 34.94 20.06 -2.78
CA ILE A 618 36.25 20.51 -3.25
C ILE A 618 37.24 20.62 -2.11
N ALA A 619 36.78 20.98 -0.90
CA ALA A 619 37.70 20.96 0.24
C ALA A 619 38.22 19.55 0.50
N ILE A 620 37.32 18.57 0.52
CA ILE A 620 37.72 17.19 0.75
C ILE A 620 38.62 16.70 -0.37
N GLY A 621 38.25 16.99 -1.62
CA GLY A 621 39.03 16.56 -2.76
C GLY A 621 38.24 15.73 -3.76
N LEU A 622 36.92 15.87 -3.75
CA LEU A 622 36.09 15.17 -4.71
C LEU A 622 36.25 15.80 -6.09
N ARG A 623 36.27 14.96 -7.12
CA ARG A 623 36.42 15.43 -8.49
C ARG A 623 35.70 14.48 -9.43
N GLY A 624 35.36 14.99 -10.62
CA GLY A 624 34.71 14.16 -11.62
C GLY A 624 33.27 13.85 -11.28
N ASP A 625 32.82 12.69 -11.75
CA ASP A 625 31.42 12.31 -11.57
C ASP A 625 31.06 12.21 -10.09
N LEU A 626 32.04 11.96 -9.22
CA LEU A 626 31.74 11.87 -7.80
C LEU A 626 31.30 13.23 -7.24
N LEU A 627 32.02 14.29 -7.59
CA LEU A 627 31.61 15.63 -7.16
C LEU A 627 30.25 16.01 -7.73
N ARG A 628 30.01 15.68 -9.00
CA ARG A 628 28.72 15.99 -9.60
C ARG A 628 27.60 15.23 -8.89
N VAL A 629 27.85 13.96 -8.55
CA VAL A 629 26.85 13.19 -7.83
C VAL A 629 26.58 13.81 -6.47
N ALA A 630 27.64 14.24 -5.79
CA ALA A 630 27.46 14.88 -4.48
C ALA A 630 26.59 16.12 -4.59
N ILE A 631 26.90 16.98 -5.55
CA ILE A 631 26.16 18.25 -5.67
C ILE A 631 24.71 17.98 -6.07
N VAL A 632 24.50 17.10 -7.05
CA VAL A 632 23.14 16.81 -7.50
C VAL A 632 22.33 16.18 -6.37
N GLN A 633 22.97 15.32 -5.57
CA GLN A 633 22.30 14.78 -4.40
C GLN A 633 21.91 15.88 -3.44
N ALA A 634 22.82 16.83 -3.20
CA ALA A 634 22.50 17.96 -2.33
C ALA A 634 21.37 18.80 -2.90
N ALA A 635 21.14 18.74 -4.22
CA ALA A 635 20.06 19.49 -4.86
C ALA A 635 18.75 18.73 -4.88
N LEU A 636 18.67 17.56 -4.25
CA LEU A 636 17.44 16.80 -4.23
C LEU A 636 16.38 17.49 -3.38
N PRO A 637 15.11 17.13 -3.55
CA PRO A 637 14.06 17.72 -2.71
C PRO A 637 14.24 17.33 -1.25
N GLN A 638 13.74 18.19 -0.38
CA GLN A 638 13.94 18.01 1.06
C GLN A 638 13.26 16.74 1.55
N GLY A 639 13.93 16.03 2.45
CA GLY A 639 13.46 14.74 2.90
C GLY A 639 12.20 14.82 3.74
N ILE A 640 11.60 13.65 3.96
CA ILE A 640 10.33 13.55 4.66
C ILE A 640 10.52 13.36 6.16
N VAL A 641 11.44 12.49 6.57
CA VAL A 641 11.62 12.23 8.00
C VAL A 641 11.88 13.51 8.78
N PRO A 642 12.72 14.44 8.32
CA PRO A 642 12.82 15.72 9.03
C PRO A 642 11.49 16.44 9.11
N PHE A 643 10.69 16.38 8.04
CA PHE A 643 9.35 16.94 8.10
C PHE A 643 8.51 16.24 9.15
N VAL A 644 8.62 14.91 9.23
CA VAL A 644 7.85 14.19 10.25
C VAL A 644 8.23 14.71 11.63
N PHE A 645 9.52 14.66 11.96
CA PHE A 645 9.96 15.14 13.28
C PHE A 645 9.46 16.55 13.53
N ALA A 646 9.53 17.42 12.53
CA ALA A 646 9.02 18.77 12.70
C ALA A 646 7.54 18.75 13.03
N LYS A 647 6.79 17.83 12.44
CA LYS A 647 5.35 17.76 12.68
C LYS A 647 5.04 17.31 14.10
N GLU A 648 5.66 16.20 14.54
CA GLU A 648 5.41 15.76 15.92
C GLU A 648 5.92 16.76 16.94
N TYR A 649 6.98 17.50 16.63
CA TYR A 649 7.49 18.52 17.52
C TYR A 649 6.96 19.92 17.21
N ASN A 650 6.09 20.04 16.21
CA ASN A 650 5.43 21.30 15.89
C ASN A 650 6.44 22.43 15.82
N VAL A 651 7.50 22.21 15.05
CA VAL A 651 8.58 23.18 14.89
C VAL A 651 8.66 23.50 13.40
N HIS A 652 8.08 24.62 13.00
CA HIS A 652 8.00 25.03 11.61
C HIS A 652 7.54 23.89 10.71
N PRO A 653 6.47 23.17 11.09
CA PRO A 653 6.01 22.06 10.23
C PRO A 653 5.57 22.51 8.86
N ALA A 654 5.00 23.71 8.75
CA ALA A 654 4.58 24.22 7.44
C ALA A 654 5.78 24.40 6.52
N ILE A 655 6.88 24.92 7.06
CA ILE A 655 8.09 25.12 6.26
C ILE A 655 8.54 23.78 5.67
N LEU A 656 8.58 22.75 6.51
CA LEU A 656 9.05 21.44 6.06
C LEU A 656 8.06 20.81 5.08
N SER A 657 6.77 20.99 5.30
CA SER A 657 5.78 20.45 4.37
C SER A 657 5.93 21.09 3.00
N THR A 658 6.04 22.42 2.97
CA THR A 658 6.28 23.11 1.70
C THR A 658 7.56 22.62 1.05
N GLY A 659 8.65 22.60 1.81
CA GLY A 659 9.88 22.02 1.31
C GLY A 659 9.61 20.71 0.59
N VAL A 660 9.11 19.73 1.35
CA VAL A 660 8.95 18.38 0.81
C VAL A 660 8.15 18.43 -0.48
N ILE A 661 6.89 18.86 -0.41
CA ILE A 661 6.00 18.68 -1.55
C ILE A 661 6.40 19.60 -2.70
N PHE A 662 6.55 20.89 -2.42
CA PHE A 662 6.85 21.84 -3.48
C PHE A 662 8.16 21.46 -4.18
N GLY A 663 9.22 21.22 -3.41
CA GLY A 663 10.46 20.78 -4.03
C GLY A 663 10.29 19.50 -4.81
N MET A 664 9.45 18.58 -4.33
CA MET A 664 9.21 17.36 -5.09
C MET A 664 8.69 17.67 -6.49
N LEU A 665 7.68 18.53 -6.60
CA LEU A 665 7.15 18.80 -7.93
C LEU A 665 7.84 19.98 -8.61
N ILE A 666 8.95 20.49 -8.07
CA ILE A 666 9.83 21.36 -8.84
C ILE A 666 11.27 20.85 -8.73
N ALA A 667 11.43 19.60 -8.31
CA ALA A 667 12.76 19.03 -8.22
C ALA A 667 13.35 18.70 -9.59
N LEU A 668 12.51 18.30 -10.55
CA LEU A 668 13.03 17.98 -11.88
C LEU A 668 13.67 19.17 -12.57
N PRO A 669 13.02 20.33 -12.72
CA PRO A 669 13.70 21.44 -13.41
C PRO A 669 15.01 21.82 -12.74
N ILE A 670 15.01 21.93 -11.41
CA ILE A 670 16.21 22.39 -10.72
C ILE A 670 17.32 21.35 -10.81
N THR A 671 16.98 20.08 -10.56
CA THR A 671 17.99 19.02 -10.60
C THR A 671 18.54 18.86 -12.00
N LEU A 672 17.68 18.94 -13.03
CA LEU A 672 18.18 18.88 -14.40
C LEU A 672 19.12 20.05 -14.67
N VAL A 673 18.66 21.28 -14.44
CA VAL A 673 19.52 22.44 -14.62
C VAL A 673 20.87 22.20 -13.97
N TYR A 674 20.87 21.63 -12.75
CA TYR A 674 22.13 21.33 -12.10
C TYR A 674 22.96 20.34 -12.90
N TYR A 675 22.31 19.29 -13.41
CA TYR A 675 23.04 18.25 -14.14
C TYR A 675 23.63 18.80 -15.44
N ILE A 676 22.83 19.54 -16.21
CA ILE A 676 23.33 20.14 -17.44
C ILE A 676 24.45 21.13 -17.14
N LEU A 677 24.28 21.97 -16.12
CA LEU A 677 25.30 22.96 -15.79
C LEU A 677 26.61 22.28 -15.40
N LEU A 678 26.52 21.21 -14.61
CA LEU A 678 27.73 20.50 -14.20
C LEU A 678 28.34 19.73 -15.37
N GLY A 679 27.53 19.33 -16.34
CA GLY A 679 28.05 18.62 -17.49
C GLY A 679 28.87 19.48 -18.43
N LEU A 680 28.66 20.79 -18.41
CA LEU A 680 29.42 21.70 -19.26
C LEU A 680 30.89 21.70 -18.87
N SER B 43 9.18 -35.79 -2.00
CA SER B 43 9.92 -34.68 -2.58
C SER B 43 9.78 -33.44 -1.71
N TRP B 44 10.47 -33.45 -0.56
CA TRP B 44 10.36 -32.33 0.37
C TRP B 44 10.94 -31.04 -0.20
N HIS B 45 11.79 -31.13 -1.21
CA HIS B 45 12.27 -29.92 -1.86
C HIS B 45 11.13 -29.19 -2.57
N ASP B 46 10.23 -29.94 -3.21
CA ASP B 46 9.06 -29.33 -3.83
C ASP B 46 8.18 -28.68 -2.77
N LEU B 47 8.01 -29.34 -1.62
CA LEU B 47 7.26 -28.74 -0.53
C LEU B 47 7.90 -27.43 -0.08
N TYR B 48 9.23 -27.41 0.04
CA TYR B 48 9.91 -26.18 0.44
C TYR B 48 9.76 -25.10 -0.62
N THR B 49 9.78 -25.46 -1.90
CA THR B 49 9.58 -24.46 -2.94
C THR B 49 8.19 -23.85 -2.85
N VAL B 50 7.17 -24.69 -2.65
CA VAL B 50 5.82 -24.19 -2.50
C VAL B 50 5.72 -23.28 -1.27
N LEU B 51 6.34 -23.70 -0.17
CA LEU B 51 6.35 -22.88 1.03
C LEU B 51 7.03 -21.53 0.76
N THR B 52 8.16 -21.55 0.05
CA THR B 52 8.85 -20.31 -0.26
C THR B 52 7.95 -19.39 -1.08
N ALA B 53 7.19 -19.96 -2.01
CA ALA B 53 6.37 -19.13 -2.89
C ALA B 53 5.13 -18.60 -2.17
N VAL B 54 4.61 -19.34 -1.20
CA VAL B 54 3.30 -19.02 -0.63
C VAL B 54 3.41 -18.32 0.72
N ILE B 55 4.42 -18.64 1.50
CA ILE B 55 4.55 -18.17 2.88
C ILE B 55 4.79 -16.67 2.94
N PRO B 56 5.41 -16.02 1.95
CA PRO B 56 5.48 -14.56 1.99
C PRO B 56 4.12 -13.91 2.09
N LEU B 57 3.13 -14.47 1.38
CA LEU B 57 1.77 -13.95 1.45
C LEU B 57 1.23 -14.06 2.86
N TYR B 58 1.51 -15.19 3.53
CA TYR B 58 1.04 -15.36 4.90
C TYR B 58 1.82 -14.50 5.88
N VAL B 59 3.08 -14.21 5.59
CA VAL B 59 3.83 -13.27 6.41
C VAL B 59 3.17 -11.90 6.35
N ALA B 60 2.82 -11.45 5.15
CA ALA B 60 2.12 -10.17 5.02
C ALA B 60 0.76 -10.20 5.70
N MET B 61 0.01 -11.30 5.50
CA MET B 61 -1.33 -11.41 6.06
C MET B 61 -1.29 -11.40 7.59
N ILE B 62 -0.37 -12.16 8.17
CA ILE B 62 -0.22 -12.20 9.62
C ILE B 62 0.34 -10.89 10.15
N LEU B 63 1.18 -10.22 9.37
CA LEU B 63 1.66 -8.90 9.79
C LEU B 63 0.51 -7.92 9.92
N ALA B 64 -0.40 -7.91 8.93
CA ALA B 64 -1.58 -7.05 9.04
C ALA B 64 -2.48 -7.48 10.19
N TYR B 65 -2.67 -8.79 10.35
CA TYR B 65 -3.53 -9.29 11.43
C TYR B 65 -2.99 -8.86 12.79
N GLY B 66 -1.68 -8.98 13.00
CA GLY B 66 -1.09 -8.53 14.25
C GLY B 66 -1.15 -7.02 14.39
N SER B 67 -0.92 -6.30 13.30
CA SER B 67 -1.01 -4.85 13.35
C SER B 67 -2.38 -4.39 13.83
N VAL B 68 -3.43 -5.12 13.47
CA VAL B 68 -4.77 -4.73 13.88
C VAL B 68 -5.17 -5.31 15.24
N ARG B 69 -4.68 -6.49 15.59
CA ARG B 69 -5.09 -7.19 16.81
C ARG B 69 -4.05 -7.15 17.90
N TRP B 70 -2.80 -7.53 17.60
CA TRP B 70 -1.77 -7.56 18.63
C TRP B 70 -1.21 -6.17 18.89
N TRP B 71 -0.66 -5.54 17.86
CA TRP B 71 0.00 -4.24 18.01
C TRP B 71 -0.95 -3.08 17.80
N LYS B 72 -2.15 -3.32 17.27
CA LYS B 72 -3.16 -2.28 17.10
C LYS B 72 -2.59 -1.05 16.42
N ILE B 73 -1.84 -1.28 15.34
CA ILE B 73 -1.25 -0.17 14.60
C ILE B 73 -2.27 0.59 13.78
N PHE B 74 -3.38 -0.05 13.39
CA PHE B 74 -4.34 0.54 12.47
C PHE B 74 -5.70 0.66 13.13
N SER B 75 -6.38 1.77 12.85
CA SER B 75 -7.77 1.94 13.24
C SER B 75 -8.67 1.24 12.24
N PRO B 76 -9.90 0.87 12.65
CA PRO B 76 -10.79 0.22 11.69
C PRO B 76 -11.04 1.04 10.43
N ASP B 77 -11.15 2.36 10.57
CA ASP B 77 -11.38 3.19 9.39
C ASP B 77 -10.09 3.35 8.58
N GLN B 78 -8.94 3.38 9.26
CA GLN B 78 -7.67 3.34 8.54
C GLN B 78 -7.50 2.02 7.80
N CYS B 79 -7.92 0.92 8.42
CA CYS B 79 -7.91 -0.36 7.73
C CYS B 79 -8.84 -0.33 6.51
N SER B 80 -10.00 0.30 6.66
CA SER B 80 -10.91 0.45 5.52
C SER B 80 -10.27 1.26 4.41
N GLY B 81 -9.52 2.31 4.77
CA GLY B 81 -8.82 3.07 3.75
C GLY B 81 -7.77 2.27 3.02
N ILE B 82 -7.00 1.46 3.75
CA ILE B 82 -6.04 0.58 3.11
C ILE B 82 -6.75 -0.40 2.17
N ASN B 83 -7.86 -0.97 2.64
CA ASN B 83 -8.60 -1.92 1.82
C ASN B 83 -9.14 -1.25 0.56
N ARG B 84 -9.63 -0.02 0.68
CA ARG B 84 -10.15 0.68 -0.49
C ARG B 84 -9.04 0.98 -1.49
N PHE B 85 -7.88 1.43 -1.00
CA PHE B 85 -6.74 1.60 -1.90
C PHE B 85 -6.42 0.31 -2.61
N VAL B 86 -6.38 -0.80 -1.86
CA VAL B 86 -6.12 -2.10 -2.48
C VAL B 86 -7.11 -2.34 -3.62
N ALA B 87 -8.40 -2.37 -3.28
CA ALA B 87 -9.42 -2.74 -4.24
C ALA B 87 -9.44 -1.82 -5.45
N ILE B 88 -9.05 -0.55 -5.29
CA ILE B 88 -9.17 0.39 -6.40
C ILE B 88 -7.91 0.47 -7.26
N PHE B 89 -6.73 0.28 -6.67
CA PHE B 89 -5.48 0.45 -7.40
C PHE B 89 -4.65 -0.82 -7.47
N ALA B 90 -4.45 -1.50 -6.35
CA ALA B 90 -3.47 -2.59 -6.33
C ALA B 90 -3.99 -3.82 -7.05
N VAL B 91 -5.26 -4.16 -6.85
CA VAL B 91 -5.84 -5.37 -7.45
C VAL B 91 -6.15 -5.10 -8.92
N PRO B 92 -6.80 -3.99 -9.27
CA PRO B 92 -7.00 -3.71 -10.71
C PRO B 92 -5.71 -3.61 -11.48
N LEU B 93 -4.67 -2.99 -10.90
CA LEU B 93 -3.41 -2.86 -11.63
C LEU B 93 -2.69 -4.21 -11.72
N LEU B 94 -2.76 -5.01 -10.67
CA LEU B 94 -2.20 -6.36 -10.73
C LEU B 94 -2.90 -7.20 -11.79
N SER B 95 -4.23 -7.10 -11.84
CA SER B 95 -4.99 -7.82 -12.87
C SER B 95 -4.62 -7.34 -14.26
N PHE B 96 -4.46 -6.03 -14.44
CA PHE B 96 -4.04 -5.50 -15.73
C PHE B 96 -2.67 -6.04 -16.11
N HIS B 97 -1.74 -6.05 -15.16
CA HIS B 97 -0.40 -6.58 -15.41
C HIS B 97 -0.48 -8.02 -15.90
N PHE B 98 -1.18 -8.86 -15.14
CA PHE B 98 -1.22 -10.28 -15.49
C PHE B 98 -1.93 -10.51 -16.82
N ILE B 99 -3.03 -9.80 -17.05
CA ILE B 99 -3.80 -10.01 -18.28
C ILE B 99 -3.01 -9.52 -19.48
N SER B 100 -2.27 -8.43 -19.35
CA SER B 100 -1.53 -7.87 -20.46
C SER B 100 -0.26 -8.65 -20.78
N THR B 101 0.34 -9.31 -19.78
CA THR B 101 1.60 -9.99 -20.03
C THR B 101 1.43 -11.38 -20.65
N ASN B 102 0.21 -11.88 -20.83
CA ASN B 102 0.00 -13.13 -21.55
C ASN B 102 -0.76 -12.86 -22.85
N ASN B 103 -0.39 -13.58 -23.89
CA ASN B 103 -1.05 -13.45 -25.18
C ASN B 103 -2.36 -14.23 -25.19
N PRO B 104 -3.49 -13.61 -25.55
CA PRO B 104 -4.73 -14.38 -25.63
C PRO B 104 -4.75 -15.40 -26.76
N TYR B 105 -3.86 -15.27 -27.75
CA TYR B 105 -3.84 -16.18 -28.87
C TYR B 105 -3.21 -17.53 -28.55
N ALA B 106 -2.48 -17.64 -27.44
CA ALA B 106 -1.91 -18.91 -27.01
C ALA B 106 -2.70 -19.54 -25.87
N MET B 107 -3.92 -19.05 -25.62
CA MET B 107 -4.76 -19.65 -24.59
C MET B 107 -4.99 -21.13 -24.88
N ASN B 108 -4.91 -21.94 -23.84
CA ASN B 108 -5.20 -23.37 -23.94
C ASN B 108 -6.72 -23.53 -23.95
N LEU B 109 -7.28 -23.76 -25.14
CA LEU B 109 -8.74 -23.79 -25.27
C LEU B 109 -9.35 -24.91 -24.46
N ARG B 110 -8.67 -26.04 -24.32
CA ARG B 110 -9.24 -27.16 -23.59
C ARG B 110 -9.34 -26.85 -22.10
N PHE B 111 -8.35 -26.16 -21.54
CA PHE B 111 -8.43 -25.74 -20.15
C PHE B 111 -9.59 -24.78 -19.92
N ILE B 112 -9.75 -23.81 -20.83
CA ILE B 112 -10.86 -22.88 -20.74
C ILE B 112 -12.19 -23.62 -20.81
N ALA B 113 -12.28 -24.60 -21.71
CA ALA B 113 -13.50 -25.38 -21.83
C ALA B 113 -13.77 -26.16 -20.55
N ALA B 114 -12.73 -26.71 -19.93
CA ALA B 114 -12.91 -27.44 -18.68
C ALA B 114 -13.44 -26.52 -17.59
N ASP B 115 -12.87 -25.33 -17.45
CA ASP B 115 -13.33 -24.41 -16.41
C ASP B 115 -14.78 -23.98 -16.67
N THR B 116 -15.08 -23.60 -17.92
CA THR B 116 -16.44 -23.19 -18.24
C THR B 116 -17.42 -24.34 -18.10
N LEU B 117 -16.97 -25.58 -18.34
CA LEU B 117 -17.85 -26.73 -18.16
C LEU B 117 -18.12 -26.97 -16.69
N GLN B 118 -17.10 -26.82 -15.84
CA GLN B 118 -17.34 -26.90 -14.40
C GLN B 118 -18.40 -25.89 -13.99
N LYS B 119 -18.26 -24.65 -14.44
CA LYS B 119 -19.21 -23.62 -14.03
C LYS B 119 -20.59 -23.83 -14.65
N ILE B 120 -20.65 -24.35 -15.87
CA ILE B 120 -21.95 -24.64 -16.47
C ILE B 120 -22.64 -25.78 -15.73
N ILE B 121 -21.90 -26.80 -15.33
CA ILE B 121 -22.47 -27.88 -14.55
C ILE B 121 -23.01 -27.35 -13.23
N MET B 122 -22.24 -26.50 -12.57
CA MET B 122 -22.70 -25.90 -11.32
C MET B 122 -23.98 -25.10 -11.54
N LEU B 123 -24.01 -24.28 -12.59
CA LEU B 123 -25.17 -23.44 -12.86
C LEU B 123 -26.39 -24.28 -13.17
N SER B 124 -26.22 -25.34 -13.97
CA SER B 124 -27.35 -26.20 -14.32
C SER B 124 -27.90 -26.91 -13.08
N LEU B 125 -27.01 -27.45 -12.25
CA LEU B 125 -27.46 -28.10 -11.02
C LEU B 125 -28.17 -27.11 -10.11
N LEU B 126 -27.62 -25.91 -9.98
CA LEU B 126 -28.25 -24.90 -9.13
C LEU B 126 -29.61 -24.49 -9.68
N VAL B 127 -29.74 -24.36 -10.99
CA VAL B 127 -31.01 -23.96 -11.58
C VAL B 127 -32.06 -25.04 -11.32
N LEU B 128 -31.72 -26.30 -11.60
CA LEU B 128 -32.71 -27.35 -11.40
C LEU B 128 -32.99 -27.57 -9.92
N TRP B 129 -32.04 -27.24 -9.04
CA TRP B 129 -32.30 -27.33 -7.61
C TRP B 129 -33.21 -26.20 -7.15
N ALA B 130 -33.00 -24.98 -7.64
CA ALA B 130 -33.77 -23.84 -7.19
C ALA B 130 -35.19 -23.86 -7.74
N ASN B 131 -35.38 -24.32 -8.97
CA ASN B 131 -36.71 -24.30 -9.58
C ASN B 131 -37.51 -25.56 -9.31
N PHE B 132 -36.90 -26.61 -8.75
CA PHE B 132 -37.57 -27.88 -8.51
C PHE B 132 -37.34 -28.34 -7.07
N THR B 133 -37.46 -27.42 -6.11
CA THR B 133 -37.26 -27.78 -4.72
C THR B 133 -37.99 -26.77 -3.84
N ARG B 134 -38.48 -27.26 -2.70
CA ARG B 134 -39.17 -26.38 -1.75
C ARG B 134 -38.22 -25.36 -1.16
N SER B 135 -37.03 -25.81 -0.75
CA SER B 135 -36.01 -24.93 -0.19
C SER B 135 -35.13 -24.31 -1.27
N GLY B 136 -35.35 -24.64 -2.54
CA GLY B 136 -34.57 -24.03 -3.59
C GLY B 136 -34.69 -22.51 -3.55
N SER B 137 -33.55 -21.84 -3.65
CA SER B 137 -33.50 -20.39 -3.47
C SER B 137 -32.49 -19.79 -4.44
N LEU B 138 -32.60 -18.48 -4.65
CA LEU B 138 -31.70 -17.78 -5.55
C LEU B 138 -30.43 -17.33 -4.85
N GLU B 139 -30.55 -16.76 -3.65
CA GLU B 139 -29.36 -16.35 -2.92
C GLU B 139 -28.47 -17.54 -2.60
N TRP B 140 -29.07 -18.66 -2.23
CA TRP B 140 -28.28 -19.86 -2.01
C TRP B 140 -27.62 -20.33 -3.30
N SER B 141 -28.34 -20.19 -4.42
CA SER B 141 -27.74 -20.55 -5.70
C SER B 141 -26.48 -19.70 -5.96
N ILE B 142 -26.59 -18.39 -5.75
CA ILE B 142 -25.47 -17.50 -6.03
C ILE B 142 -24.29 -17.82 -5.12
N THR B 143 -24.57 -17.99 -3.82
CA THR B 143 -23.47 -18.22 -2.88
C THR B 143 -22.82 -19.59 -3.12
N ILE B 144 -23.62 -20.60 -3.47
CA ILE B 144 -23.04 -21.91 -3.76
C ILE B 144 -22.21 -21.85 -5.03
N PHE B 145 -22.67 -21.11 -6.03
CA PHE B 145 -21.87 -20.93 -7.24
C PHE B 145 -20.53 -20.29 -6.91
N SER B 146 -20.55 -19.24 -6.10
CA SER B 146 -19.31 -18.56 -5.72
C SER B 146 -18.40 -19.51 -4.97
N LEU B 147 -18.93 -20.25 -4.01
CA LEU B 147 -18.08 -21.15 -3.21
C LEU B 147 -17.51 -22.27 -4.06
N SER B 148 -18.31 -22.88 -4.93
CA SER B 148 -17.92 -24.08 -5.64
C SER B 148 -17.19 -23.81 -6.94
N THR B 149 -17.13 -22.56 -7.41
CA THR B 149 -16.56 -22.28 -8.72
C THR B 149 -15.58 -21.13 -8.79
N LEU B 150 -15.59 -20.20 -7.84
CA LEU B 150 -14.82 -18.96 -7.95
C LEU B 150 -13.73 -18.93 -6.89
N PRO B 151 -12.57 -19.53 -7.15
CA PRO B 151 -11.46 -19.48 -6.19
C PRO B 151 -10.67 -18.18 -6.31
N ASN B 152 -9.67 -18.04 -5.46
CA ASN B 152 -8.80 -16.88 -5.50
C ASN B 152 -7.69 -17.28 -6.45
N THR B 153 -7.85 -16.91 -7.72
CA THR B 153 -6.89 -17.25 -8.76
C THR B 153 -5.85 -16.17 -9.00
N LEU B 154 -6.13 -14.92 -8.62
CA LEU B 154 -5.20 -13.84 -8.92
C LEU B 154 -4.11 -13.74 -7.87
N VAL B 155 -4.48 -13.56 -6.60
CA VAL B 155 -3.51 -13.26 -5.56
C VAL B 155 -2.70 -14.50 -5.23
N MET B 156 -3.36 -15.55 -4.74
CA MET B 156 -2.67 -16.76 -4.31
C MET B 156 -2.54 -17.79 -5.42
N GLY B 157 -3.52 -17.86 -6.32
CA GLY B 157 -3.54 -18.89 -7.33
C GLY B 157 -2.34 -18.89 -8.25
N ILE B 158 -2.03 -17.74 -8.85
CA ILE B 158 -0.90 -17.69 -9.79
C ILE B 158 0.42 -18.02 -9.11
N PRO B 159 0.80 -17.38 -8.00
CA PRO B 159 2.06 -17.76 -7.34
C PRO B 159 2.09 -19.21 -6.92
N LEU B 160 1.03 -19.69 -6.26
CA LEU B 160 1.02 -21.07 -5.81
C LEU B 160 1.20 -22.03 -6.97
N LEU B 161 0.36 -21.91 -8.00
CA LEU B 161 0.40 -22.89 -9.07
C LEU B 161 1.68 -22.77 -9.89
N ILE B 162 2.27 -21.58 -9.97
CA ILE B 162 3.57 -21.46 -10.62
C ILE B 162 4.61 -22.24 -9.83
N ALA B 163 4.59 -22.11 -8.49
CA ALA B 163 5.54 -22.85 -7.67
C ALA B 163 5.33 -24.35 -7.81
N MET B 164 4.07 -24.79 -7.84
CA MET B 164 3.78 -26.22 -7.79
C MET B 164 4.10 -26.91 -9.11
N TYR B 165 3.81 -26.26 -10.24
CA TYR B 165 3.91 -26.91 -11.54
C TYR B 165 4.81 -26.18 -12.53
N GLY B 166 4.75 -24.84 -12.59
CA GLY B 166 5.62 -24.13 -13.50
C GLY B 166 5.00 -22.88 -14.10
N GLU B 167 5.74 -22.22 -15.00
CA GLU B 167 5.28 -20.96 -15.57
C GLU B 167 4.03 -21.13 -16.40
N TYR B 168 3.96 -22.23 -17.17
CA TYR B 168 2.76 -22.48 -17.96
C TYR B 168 1.52 -22.52 -17.07
N SER B 169 1.66 -23.05 -15.86
CA SER B 169 0.55 -23.04 -14.92
C SER B 169 0.18 -21.62 -14.53
N GLY B 170 1.17 -20.74 -14.40
CA GLY B 170 0.87 -19.34 -14.17
C GLY B 170 0.07 -18.74 -15.30
N SER B 171 0.46 -19.06 -16.54
CA SER B 171 -0.30 -18.57 -17.69
C SER B 171 -1.74 -19.10 -17.65
N LEU B 172 -1.91 -20.39 -17.34
CA LEU B 172 -3.25 -20.96 -17.26
C LEU B 172 -4.07 -20.28 -16.17
N MET B 173 -3.45 -20.00 -15.03
CA MET B 173 -4.17 -19.31 -13.96
C MET B 173 -4.56 -17.91 -14.39
N VAL B 174 -3.70 -17.22 -15.15
CA VAL B 174 -4.06 -15.88 -15.61
C VAL B 174 -5.19 -15.96 -16.63
N GLN B 175 -5.22 -17.01 -17.45
CA GLN B 175 -6.36 -17.22 -18.34
C GLN B 175 -7.64 -17.39 -17.54
N ILE B 176 -7.58 -18.20 -16.48
CA ILE B 176 -8.76 -18.36 -15.62
C ILE B 176 -9.14 -17.02 -15.01
N VAL B 177 -8.16 -16.21 -14.62
CA VAL B 177 -8.44 -14.92 -14.01
C VAL B 177 -9.19 -14.02 -14.97
N VAL B 178 -8.67 -13.89 -16.20
CA VAL B 178 -9.32 -13.01 -17.18
C VAL B 178 -10.71 -13.52 -17.51
N LEU B 179 -10.84 -14.84 -17.73
CA LEU B 179 -12.14 -15.40 -18.05
C LEU B 179 -13.13 -15.16 -16.92
N GLN B 180 -12.70 -15.35 -15.68
CA GLN B 180 -13.55 -15.10 -14.53
C GLN B 180 -13.99 -13.65 -14.37
N CYS B 181 -13.06 -12.71 -14.50
CA CYS B 181 -13.42 -11.30 -14.35
C CYS B 181 -14.28 -10.81 -15.50
N ILE B 182 -14.13 -11.40 -16.68
CA ILE B 182 -14.90 -10.90 -17.82
C ILE B 182 -16.28 -11.55 -17.90
N ILE B 183 -16.40 -12.84 -17.60
CA ILE B 183 -17.64 -13.59 -17.83
C ILE B 183 -18.37 -13.86 -16.54
N TRP B 184 -17.71 -14.48 -15.56
CA TRP B 184 -18.41 -15.02 -14.42
C TRP B 184 -18.70 -13.97 -13.36
N TYR B 185 -17.83 -12.97 -13.21
CA TYR B 185 -18.17 -11.86 -12.32
C TYR B 185 -19.27 -11.01 -12.93
N THR B 186 -19.30 -10.90 -14.26
CA THR B 186 -20.43 -10.21 -14.90
C THR B 186 -21.72 -11.02 -14.74
N LEU B 187 -21.63 -12.35 -14.78
CA LEU B 187 -22.80 -13.18 -14.51
C LEU B 187 -23.27 -12.99 -13.07
N LEU B 188 -22.33 -12.91 -12.12
CA LEU B 188 -22.69 -12.58 -10.75
C LEU B 188 -23.39 -11.22 -10.68
N LEU B 189 -22.90 -10.24 -11.43
CA LEU B 189 -23.55 -8.94 -11.47
C LEU B 189 -24.97 -9.06 -11.99
N PHE B 190 -25.16 -9.84 -13.06
CA PHE B 190 -26.50 -10.05 -13.59
C PHE B 190 -27.41 -10.65 -12.54
N LEU B 191 -26.94 -11.68 -11.84
CA LEU B 191 -27.76 -12.34 -10.83
C LEU B 191 -28.09 -11.40 -9.68
N PHE B 192 -27.11 -10.63 -9.20
CA PHE B 192 -27.35 -9.74 -8.08
C PHE B 192 -28.30 -8.61 -8.46
N GLU B 193 -28.14 -8.07 -9.68
CA GLU B 193 -29.05 -7.02 -10.12
C GLU B 193 -30.45 -7.57 -10.31
N PHE B 194 -30.58 -8.81 -10.80
CA PHE B 194 -31.89 -9.41 -10.90
C PHE B 194 -32.52 -9.59 -9.51
N ARG B 195 -31.72 -10.00 -8.53
CA ARG B 195 -32.23 -10.12 -7.17
C ARG B 195 -32.73 -8.78 -6.65
N GLY B 196 -31.93 -7.72 -6.83
CA GLY B 196 -32.34 -6.42 -6.37
C GLY B 196 -33.59 -5.92 -7.07
N ALA B 197 -33.66 -6.09 -8.39
CA ALA B 197 -34.84 -5.69 -9.13
C ALA B 197 -36.07 -6.45 -8.67
N LYS B 198 -35.93 -7.76 -8.43
CA LYS B 198 -37.06 -8.55 -7.99
C LYS B 198 -37.54 -8.11 -6.61
N MET B 199 -36.60 -7.82 -5.70
CA MET B 199 -37.00 -7.33 -4.39
C MET B 199 -37.72 -6.00 -4.50
N LEU B 200 -37.22 -5.09 -5.34
CA LEU B 200 -37.91 -3.82 -5.52
C LEU B 200 -39.30 -4.00 -6.13
N ILE B 201 -39.42 -4.91 -7.09
CA ILE B 201 -40.72 -5.18 -7.69
C ILE B 201 -41.70 -5.71 -6.64
N MET B 202 -41.24 -6.65 -5.82
CA MET B 202 -42.12 -7.24 -4.82
C MET B 202 -42.45 -6.27 -3.71
N GLU B 203 -41.59 -5.27 -3.47
CA GLU B 203 -41.85 -4.30 -2.42
C GLU B 203 -42.63 -3.09 -2.89
N GLN B 204 -42.63 -2.79 -4.19
CA GLN B 204 -43.26 -1.58 -4.72
C GLN B 204 -44.63 -1.85 -5.32
N PHE B 205 -44.70 -2.72 -6.32
CA PHE B 205 -45.93 -2.98 -7.07
C PHE B 205 -46.14 -4.48 -7.21
N PRO B 206 -46.47 -5.16 -6.11
CA PRO B 206 -46.67 -6.61 -6.18
C PRO B 206 -47.96 -7.00 -6.89
N GLU B 207 -49.00 -6.20 -6.71
CA GLU B 207 -50.33 -6.59 -7.19
C GLU B 207 -50.39 -6.66 -8.71
N THR B 208 -49.76 -5.71 -9.41
CA THR B 208 -49.87 -5.60 -10.86
C THR B 208 -48.51 -5.33 -11.48
N ALA B 209 -47.49 -6.09 -11.07
CA ALA B 209 -46.18 -5.95 -11.68
C ALA B 209 -46.19 -6.40 -13.13
N ALA B 210 -47.16 -7.24 -13.52
CA ALA B 210 -47.16 -7.80 -14.87
C ALA B 210 -47.39 -6.74 -15.94
N SER B 211 -48.10 -5.66 -15.60
CA SER B 211 -48.45 -4.65 -16.58
C SER B 211 -47.27 -3.76 -16.98
N ILE B 212 -46.18 -3.76 -16.20
CA ILE B 212 -45.06 -2.88 -16.49
C ILE B 212 -44.44 -3.26 -17.81
N VAL B 213 -44.15 -2.26 -18.65
CA VAL B 213 -43.56 -2.51 -19.96
C VAL B 213 -42.17 -1.89 -20.12
N SER B 214 -41.83 -0.84 -19.39
CA SER B 214 -40.54 -0.18 -19.58
C SER B 214 -40.12 0.47 -18.27
N PHE B 215 -38.84 0.31 -17.94
CA PHE B 215 -38.25 0.95 -16.77
C PHE B 215 -37.34 2.09 -17.22
N LYS B 216 -37.38 3.19 -16.48
CA LYS B 216 -36.51 4.34 -16.73
C LYS B 216 -35.88 4.72 -15.39
N VAL B 217 -34.59 4.44 -15.26
CA VAL B 217 -33.83 4.70 -14.04
C VAL B 217 -32.99 5.94 -14.26
N GLU B 218 -33.12 6.92 -13.37
CA GLU B 218 -32.29 8.11 -13.46
C GLU B 218 -30.85 7.78 -13.17
N SER B 219 -29.93 8.49 -13.84
CA SER B 219 -28.52 8.14 -13.77
C SER B 219 -27.97 8.23 -12.35
N ASP B 220 -28.65 8.95 -11.45
CA ASP B 220 -28.18 9.03 -10.07
C ASP B 220 -28.17 7.67 -9.40
N VAL B 221 -29.06 6.77 -9.81
CA VAL B 221 -29.16 5.44 -9.21
C VAL B 221 -28.05 4.57 -9.79
N VAL B 222 -26.95 4.45 -9.06
CA VAL B 222 -25.78 3.73 -9.57
C VAL B 222 -26.06 2.22 -9.62
N SER B 223 -26.68 1.67 -8.59
CA SER B 223 -26.88 0.23 -8.51
C SER B 223 -28.09 -0.04 -7.62
N LEU B 224 -28.59 -1.27 -7.72
CA LEU B 224 -29.74 -1.73 -6.92
C LEU B 224 -29.27 -2.53 -5.72
N ASP B 225 -28.14 -2.15 -5.12
CA ASP B 225 -27.62 -2.88 -3.96
C ASP B 225 -28.64 -2.92 -2.84
N GLY B 226 -29.29 -1.80 -2.56
CA GLY B 226 -30.24 -1.68 -1.48
C GLY B 226 -29.82 -0.75 -0.36
N HIS B 227 -28.61 -0.19 -0.44
CA HIS B 227 -28.18 0.75 0.60
C HIS B 227 -29.06 1.98 0.63
N ASP B 228 -29.43 2.50 -0.53
CA ASP B 228 -30.29 3.68 -0.64
C ASP B 228 -31.70 3.26 -1.01
N PHE B 229 -32.67 4.03 -0.53
CA PHE B 229 -34.07 3.75 -0.82
C PHE B 229 -34.42 4.29 -2.20
N LEU B 230 -35.10 3.47 -2.99
CA LEU B 230 -35.46 3.81 -4.37
C LEU B 230 -36.97 3.99 -4.46
N GLU B 231 -37.40 5.23 -4.72
CA GLU B 231 -38.80 5.51 -4.92
C GLU B 231 -39.22 5.15 -6.35
N THR B 232 -40.50 4.81 -6.51
CA THR B 232 -41.03 4.38 -7.79
C THR B 232 -42.35 5.09 -8.07
N ASP B 233 -42.55 5.48 -9.33
CA ASP B 233 -43.77 6.13 -9.79
C ASP B 233 -44.30 5.38 -11.01
N ALA B 234 -45.61 5.17 -11.05
CA ALA B 234 -46.26 4.44 -12.13
C ALA B 234 -47.22 5.37 -12.87
N GLU B 235 -47.09 5.42 -14.18
CA GLU B 235 -47.94 6.24 -15.04
C GLU B 235 -48.61 5.37 -16.09
N ILE B 236 -49.91 5.54 -16.24
CA ILE B 236 -50.68 4.77 -17.21
C ILE B 236 -50.63 5.48 -18.56
N GLY B 237 -50.23 4.76 -19.59
CA GLY B 237 -50.11 5.32 -20.92
C GLY B 237 -51.45 5.44 -21.63
N ASP B 238 -51.39 5.99 -22.84
CA ASP B 238 -52.60 6.18 -23.63
C ASP B 238 -53.24 4.85 -24.00
N ASP B 239 -52.43 3.84 -24.34
CA ASP B 239 -52.94 2.54 -24.75
C ASP B 239 -53.23 1.62 -23.57
N GLY B 240 -53.41 2.17 -22.38
CA GLY B 240 -53.65 1.35 -21.20
C GLY B 240 -52.42 0.69 -20.63
N LYS B 241 -51.24 1.05 -21.12
CA LYS B 241 -49.99 0.46 -20.66
C LYS B 241 -49.47 1.23 -19.44
N LEU B 242 -48.59 0.57 -18.67
CA LEU B 242 -48.03 1.14 -17.45
C LEU B 242 -46.53 1.30 -17.60
N HIS B 243 -46.01 2.48 -17.25
CA HIS B 243 -44.60 2.77 -17.29
C HIS B 243 -44.15 3.16 -15.88
N VAL B 244 -43.02 2.59 -15.45
CA VAL B 244 -42.50 2.81 -14.11
C VAL B 244 -41.19 3.57 -14.19
N THR B 245 -41.02 4.52 -13.27
CA THR B 245 -39.80 5.30 -13.16
C THR B 245 -39.30 5.16 -11.72
N VAL B 246 -38.02 4.82 -11.56
CA VAL B 246 -37.42 4.61 -10.26
C VAL B 246 -36.28 5.60 -10.08
N ARG B 247 -36.29 6.29 -8.94
CA ARG B 247 -35.29 7.32 -8.65
C ARG B 247 -34.85 7.19 -7.19
N LYS B 248 -33.85 7.97 -6.81
CA LYS B 248 -33.31 7.91 -5.46
C LYS B 248 -34.10 8.80 -4.53
N SER B 249 -34.40 8.28 -3.34
CA SER B 249 -35.12 9.05 -2.33
C SER B 249 -34.15 9.85 -1.47
N LYS B 511 -47.84 -11.57 -7.04
CA LYS B 511 -46.70 -12.45 -7.34
C LYS B 511 -46.69 -12.83 -8.81
N ASN B 512 -46.42 -11.85 -9.67
CA ASN B 512 -46.36 -12.07 -11.11
C ASN B 512 -45.10 -11.45 -11.68
N MET B 513 -44.55 -12.09 -12.72
CA MET B 513 -43.35 -11.60 -13.36
C MET B 513 -43.70 -10.79 -14.60
N PRO B 514 -43.18 -9.58 -14.77
CA PRO B 514 -43.40 -8.85 -16.02
C PRO B 514 -42.69 -9.54 -17.17
N PRO B 515 -42.90 -9.07 -18.40
CA PRO B 515 -42.30 -9.75 -19.55
C PRO B 515 -40.78 -9.84 -19.42
N ALA B 516 -40.22 -10.85 -20.10
CA ALA B 516 -38.77 -11.04 -20.04
C ALA B 516 -38.04 -9.84 -20.61
N SER B 517 -38.63 -9.18 -21.61
CA SER B 517 -37.95 -8.05 -22.25
C SER B 517 -37.76 -6.89 -21.27
N VAL B 518 -38.77 -6.60 -20.45
CA VAL B 518 -38.70 -5.47 -19.54
C VAL B 518 -37.60 -5.69 -18.51
N MET B 519 -37.60 -6.86 -17.87
CA MET B 519 -36.57 -7.17 -16.89
C MET B 519 -35.20 -7.24 -17.54
N THR B 520 -35.12 -7.77 -18.77
CA THR B 520 -33.84 -7.81 -19.46
C THR B 520 -33.31 -6.41 -19.69
N ARG B 521 -34.17 -5.47 -20.11
CA ARG B 521 -33.74 -4.10 -20.32
C ARG B 521 -33.24 -3.48 -19.01
N LEU B 522 -34.04 -3.62 -17.94
CA LEU B 522 -33.64 -3.04 -16.66
C LEU B 522 -32.30 -3.59 -16.20
N ILE B 523 -32.16 -4.91 -16.23
CA ILE B 523 -30.93 -5.53 -15.74
C ILE B 523 -29.75 -5.16 -16.61
N LEU B 524 -29.95 -5.09 -17.93
CA LEU B 524 -28.85 -4.74 -18.82
C LEU B 524 -28.36 -3.32 -18.55
N ILE B 525 -29.29 -2.36 -18.41
CA ILE B 525 -28.86 -1.00 -18.17
C ILE B 525 -28.17 -0.88 -16.82
N MET B 526 -28.72 -1.55 -15.79
CA MET B 526 -28.12 -1.44 -14.47
C MET B 526 -26.75 -2.10 -14.43
N VAL B 527 -26.60 -3.22 -15.13
CA VAL B 527 -25.32 -3.91 -15.20
C VAL B 527 -24.30 -3.06 -15.93
N TRP B 528 -24.72 -2.39 -17.01
CA TRP B 528 -23.81 -1.47 -17.68
C TRP B 528 -23.38 -0.35 -16.75
N ARG B 529 -24.33 0.22 -15.99
CA ARG B 529 -23.99 1.32 -15.10
C ARG B 529 -23.07 0.88 -13.96
N LYS B 530 -23.13 -0.38 -13.56
CA LYS B 530 -22.19 -0.80 -12.52
C LYS B 530 -20.86 -1.24 -13.11
N LEU B 531 -20.86 -1.75 -14.35
CA LEU B 531 -19.61 -2.12 -15.01
C LEU B 531 -18.76 -0.90 -15.33
N ILE B 532 -19.38 0.19 -15.80
CA ILE B 532 -18.61 1.39 -16.14
C ILE B 532 -18.01 2.06 -14.92
N ARG B 533 -18.27 1.53 -13.72
CA ARG B 533 -17.70 2.08 -12.49
C ARG B 533 -16.93 1.03 -11.70
N ASN B 534 -16.65 -0.13 -12.30
CA ASN B 534 -15.90 -1.18 -11.63
C ASN B 534 -14.44 -1.09 -12.04
N PRO B 535 -13.51 -0.82 -11.13
CA PRO B 535 -12.09 -0.76 -11.54
C PRO B 535 -11.61 -2.03 -12.20
N ASN B 536 -12.04 -3.19 -11.71
CA ASN B 536 -11.59 -4.45 -12.28
C ASN B 536 -12.10 -4.64 -13.70
N THR B 537 -13.30 -4.14 -14.02
CA THR B 537 -13.81 -4.22 -15.38
C THR B 537 -12.89 -3.48 -16.35
N TYR B 538 -12.57 -2.23 -16.04
CA TYR B 538 -11.65 -1.49 -16.91
C TYR B 538 -10.28 -2.13 -16.95
N SER B 539 -9.79 -2.61 -15.80
CA SER B 539 -8.50 -3.29 -15.80
C SER B 539 -8.50 -4.45 -16.78
N SER B 540 -9.49 -5.34 -16.66
CA SER B 540 -9.51 -6.54 -17.50
C SER B 540 -9.72 -6.20 -18.97
N LEU B 541 -10.66 -5.30 -19.27
CA LEU B 541 -10.85 -4.90 -20.66
C LEU B 541 -9.58 -4.30 -21.25
N ILE B 542 -9.12 -3.19 -20.68
CA ILE B 542 -7.94 -2.52 -21.24
C ILE B 542 -6.78 -3.48 -21.33
N GLY B 543 -6.64 -4.38 -20.36
CA GLY B 543 -5.59 -5.39 -20.45
C GLY B 543 -5.77 -6.31 -21.64
N LEU B 544 -7.01 -6.75 -21.90
CA LEU B 544 -7.25 -7.62 -23.03
C LEU B 544 -6.98 -6.92 -24.36
N ILE B 545 -7.46 -5.67 -24.50
CA ILE B 545 -7.18 -4.93 -25.73
C ILE B 545 -5.69 -4.71 -25.91
N TRP B 546 -4.98 -4.33 -24.84
CA TRP B 546 -3.55 -4.12 -24.97
C TRP B 546 -2.83 -5.41 -25.31
N ALA B 547 -3.22 -6.53 -24.69
CA ALA B 547 -2.59 -7.80 -25.01
C ALA B 547 -2.83 -8.17 -26.47
N LEU B 548 -4.05 -7.98 -26.96
CA LEU B 548 -4.35 -8.29 -28.35
C LEU B 548 -3.49 -7.47 -29.30
N VAL B 549 -3.42 -6.15 -29.06
CA VAL B 549 -2.67 -5.28 -29.97
C VAL B 549 -1.17 -5.55 -29.85
N ALA B 550 -0.68 -5.81 -28.65
CA ALA B 550 0.75 -5.98 -28.42
C ALA B 550 1.25 -7.37 -28.77
N PHE B 551 0.37 -8.35 -28.94
CA PHE B 551 0.77 -9.68 -29.38
C PHE B 551 0.37 -9.97 -30.82
N ARG B 552 -0.46 -9.11 -31.44
CA ARG B 552 -0.70 -9.21 -32.86
C ARG B 552 0.33 -8.43 -33.66
N TRP B 553 0.73 -7.26 -33.17
CA TRP B 553 1.76 -6.44 -33.80
C TRP B 553 3.08 -6.46 -33.04
N HIS B 554 3.19 -7.26 -31.99
CA HIS B 554 4.43 -7.37 -31.22
C HIS B 554 4.89 -6.00 -30.75
N VAL B 555 3.96 -5.19 -30.27
CA VAL B 555 4.23 -3.82 -29.86
C VAL B 555 4.40 -3.79 -28.35
N ALA B 556 5.62 -3.52 -27.89
CA ALA B 556 5.90 -3.42 -26.48
C ALA B 556 5.49 -2.04 -25.96
N MET B 557 4.95 -2.00 -24.75
CA MET B 557 4.55 -0.74 -24.15
C MET B 557 5.79 0.11 -23.86
N PRO B 558 5.69 1.44 -24.01
CA PRO B 558 6.84 2.29 -23.71
C PRO B 558 7.29 2.12 -22.27
N LYS B 559 8.60 2.19 -22.06
CA LYS B 559 9.14 1.91 -20.74
C LYS B 559 8.62 2.90 -19.70
N ILE B 560 8.39 4.15 -20.09
CA ILE B 560 7.90 5.13 -19.13
C ILE B 560 6.52 4.71 -18.62
N ILE B 561 5.63 4.31 -19.52
CA ILE B 561 4.29 3.88 -19.12
C ILE B 561 4.37 2.56 -18.37
N GLN B 562 5.22 1.64 -18.83
CA GLN B 562 5.37 0.36 -18.17
C GLN B 562 5.78 0.53 -16.71
N GLN B 563 6.77 1.41 -16.45
CA GLN B 563 7.21 1.63 -15.09
C GLN B 563 6.20 2.45 -14.30
N SER B 564 5.52 3.40 -14.94
CA SER B 564 4.46 4.13 -14.24
C SER B 564 3.38 3.19 -13.74
N ILE B 565 3.08 2.14 -14.50
CA ILE B 565 2.11 1.15 -14.05
C ILE B 565 2.72 0.21 -13.01
N SER B 566 3.96 -0.25 -13.25
CA SER B 566 4.58 -1.22 -12.36
C SER B 566 4.80 -0.67 -10.97
N ILE B 567 5.06 0.64 -10.85
CA ILE B 567 5.36 1.21 -9.53
C ILE B 567 4.20 0.98 -8.57
N LEU B 568 2.98 0.89 -9.08
CA LEU B 568 1.81 0.61 -8.26
C LEU B 568 1.32 -0.83 -8.38
N SER B 569 1.61 -1.50 -9.50
CA SER B 569 1.28 -2.92 -9.60
C SER B 569 2.23 -3.78 -8.78
N ASP B 570 3.47 -3.31 -8.57
CA ASP B 570 4.40 -4.04 -7.72
C ASP B 570 3.92 -4.12 -6.28
N ALA B 571 3.06 -3.19 -5.86
CA ALA B 571 2.42 -3.25 -4.55
C ALA B 571 1.15 -4.09 -4.57
N GLY B 572 1.00 -4.98 -5.56
CA GLY B 572 -0.20 -5.76 -5.70
C GLY B 572 -0.32 -6.91 -4.71
N LEU B 573 0.61 -7.86 -4.79
CA LEU B 573 0.55 -9.03 -3.92
C LEU B 573 0.62 -8.62 -2.46
N GLY B 574 1.60 -7.79 -2.12
CA GLY B 574 1.80 -7.43 -0.73
C GLY B 574 0.62 -6.69 -0.14
N MET B 575 0.11 -5.70 -0.85
CA MET B 575 -1.02 -4.94 -0.34
C MET B 575 -2.30 -5.77 -0.33
N ALA B 576 -2.48 -6.65 -1.31
CA ALA B 576 -3.63 -7.53 -1.29
C ALA B 576 -3.63 -8.40 -0.04
N MET B 577 -2.50 -9.04 0.24
CA MET B 577 -2.43 -9.88 1.44
C MET B 577 -2.51 -9.06 2.71
N PHE B 578 -1.93 -7.86 2.71
CA PHE B 578 -2.02 -7.00 3.88
C PHE B 578 -3.47 -6.62 4.19
N SER B 579 -4.22 -6.25 3.15
CA SER B 579 -5.62 -5.90 3.35
C SER B 579 -6.44 -7.13 3.73
N LEU B 580 -6.08 -8.30 3.21
CA LEU B 580 -6.77 -9.51 3.63
C LEU B 580 -6.54 -9.80 5.11
N GLY B 581 -5.31 -9.59 5.59
CA GLY B 581 -5.06 -9.72 7.01
C GLY B 581 -5.79 -8.68 7.84
N LEU B 582 -5.86 -7.45 7.33
CA LEU B 582 -6.63 -6.41 8.00
C LEU B 582 -8.09 -6.83 8.13
N PHE B 583 -8.66 -7.37 7.06
CA PHE B 583 -10.04 -7.85 7.10
C PHE B 583 -10.19 -8.99 8.10
N MET B 584 -9.24 -9.94 8.10
CA MET B 584 -9.28 -11.02 9.08
C MET B 584 -9.36 -10.46 10.49
N ALA B 585 -8.50 -9.50 10.80
CA ALA B 585 -8.46 -8.95 12.16
C ALA B 585 -9.74 -8.18 12.49
N LEU B 586 -10.24 -7.39 11.54
CA LEU B 586 -11.39 -6.55 11.82
C LEU B 586 -12.61 -7.38 12.19
N GLN B 587 -12.85 -8.46 11.47
CA GLN B 587 -14.02 -9.29 11.73
C GLN B 587 -13.92 -9.88 13.13
N PRO B 588 -14.93 -9.68 13.99
CA PRO B 588 -14.85 -10.23 15.34
C PRO B 588 -14.76 -11.74 15.35
N LYS B 589 -15.29 -12.41 14.34
CA LYS B 589 -15.23 -13.86 14.22
C LYS B 589 -14.08 -14.26 13.31
N LEU B 590 -13.74 -15.54 13.36
CA LEU B 590 -12.94 -16.18 12.33
C LEU B 590 -13.76 -17.17 11.51
N ILE B 591 -14.59 -17.96 12.17
CA ILE B 591 -15.65 -18.72 11.52
C ILE B 591 -16.90 -17.87 11.69
N ALA B 592 -17.13 -16.97 10.74
CA ALA B 592 -18.15 -15.94 10.89
C ALA B 592 -19.55 -16.43 10.58
N CYS B 593 -19.71 -17.62 10.02
CA CYS B 593 -21.02 -18.10 9.55
C CYS B 593 -21.50 -19.32 10.33
N GLY B 594 -20.92 -19.61 11.48
CA GLY B 594 -21.33 -20.75 12.27
C GLY B 594 -20.56 -22.00 11.91
N ASN B 595 -20.33 -22.88 12.88
CA ASN B 595 -19.45 -24.02 12.65
C ASN B 595 -20.02 -24.96 11.60
N SER B 596 -21.31 -25.28 11.68
CA SER B 596 -21.90 -26.27 10.78
C SER B 596 -21.92 -25.74 9.35
N VAL B 597 -22.46 -24.54 9.15
CA VAL B 597 -22.54 -23.99 7.80
C VAL B 597 -21.16 -23.62 7.29
N ALA B 598 -20.25 -23.22 8.17
CA ALA B 598 -18.87 -22.97 7.76
C ALA B 598 -18.22 -24.27 7.27
N THR B 599 -18.48 -25.37 7.97
CA THR B 599 -17.98 -26.67 7.51
C THR B 599 -18.59 -27.03 6.16
N PHE B 600 -19.87 -26.73 5.96
CA PHE B 600 -20.50 -26.97 4.67
C PHE B 600 -19.82 -26.14 3.58
N ALA B 601 -19.54 -24.88 3.86
CA ALA B 601 -18.89 -24.02 2.87
C ALA B 601 -17.48 -24.52 2.54
N MET B 602 -16.72 -24.89 3.57
CA MET B 602 -15.39 -25.45 3.34
C MET B 602 -15.47 -26.73 2.53
N ALA B 603 -16.42 -27.61 2.86
CA ALA B 603 -16.57 -28.85 2.13
C ALA B 603 -16.88 -28.58 0.68
N VAL B 604 -17.83 -27.67 0.41
CA VAL B 604 -18.14 -27.34 -0.98
C VAL B 604 -16.89 -26.83 -1.69
N ARG B 605 -16.25 -25.83 -1.08
CA ARG B 605 -15.09 -25.20 -1.71
C ARG B 605 -14.02 -26.22 -2.07
N PHE B 606 -13.64 -27.08 -1.12
CA PHE B 606 -12.47 -27.92 -1.29
C PHE B 606 -12.78 -29.34 -1.76
N LEU B 607 -14.05 -29.70 -1.93
CA LEU B 607 -14.40 -30.99 -2.50
C LEU B 607 -15.26 -30.89 -3.75
N THR B 608 -16.35 -30.11 -3.72
CA THR B 608 -17.23 -30.05 -4.87
C THR B 608 -16.61 -29.22 -5.98
N GLY B 609 -15.86 -28.19 -5.63
CA GLY B 609 -15.09 -27.45 -6.61
C GLY B 609 -14.11 -28.35 -7.31
N PRO B 610 -13.17 -28.93 -6.56
CA PRO B 610 -12.25 -29.90 -7.17
C PRO B 610 -12.94 -31.08 -7.81
N ALA B 611 -14.01 -31.62 -7.21
CA ALA B 611 -14.64 -32.81 -7.77
C ALA B 611 -15.37 -32.49 -9.07
N VAL B 612 -16.13 -31.39 -9.09
CA VAL B 612 -16.83 -30.99 -10.31
C VAL B 612 -15.82 -30.60 -11.38
N MET B 613 -14.74 -29.93 -11.00
CA MET B 613 -13.69 -29.62 -11.95
C MET B 613 -13.08 -30.91 -12.52
N ALA B 614 -12.92 -31.93 -11.68
CA ALA B 614 -12.36 -33.18 -12.15
C ALA B 614 -13.30 -33.86 -13.15
N VAL B 615 -14.58 -33.95 -12.82
CA VAL B 615 -15.50 -34.60 -13.75
C VAL B 615 -15.54 -33.83 -15.07
N ALA B 616 -15.57 -32.49 -14.99
CA ALA B 616 -15.56 -31.69 -16.21
C ALA B 616 -14.28 -31.90 -17.00
N ALA B 617 -13.14 -32.03 -16.31
CA ALA B 617 -11.86 -32.14 -16.99
C ALA B 617 -11.72 -33.49 -17.70
N ILE B 618 -12.06 -34.58 -17.02
CA ILE B 618 -12.03 -35.88 -17.69
C ILE B 618 -13.09 -35.95 -18.79
N ALA B 619 -14.25 -35.30 -18.61
CA ALA B 619 -15.22 -35.25 -19.69
C ALA B 619 -14.64 -34.54 -20.91
N ILE B 620 -14.01 -33.39 -20.69
CA ILE B 620 -13.42 -32.64 -21.79
C ILE B 620 -12.29 -33.43 -22.43
N GLY B 621 -11.42 -34.02 -21.61
CA GLY B 621 -10.30 -34.79 -22.10
C GLY B 621 -8.96 -34.31 -21.60
N LEU B 622 -8.96 -33.62 -20.46
CA LEU B 622 -7.71 -33.19 -19.86
C LEU B 622 -6.98 -34.39 -19.25
N ARG B 623 -5.65 -34.39 -19.36
CA ARG B 623 -4.84 -35.48 -18.83
C ARG B 623 -3.48 -34.93 -18.45
N GLY B 624 -2.80 -35.67 -17.57
CA GLY B 624 -1.45 -35.29 -17.17
C GLY B 624 -1.45 -34.07 -16.26
N ASP B 625 -0.35 -33.31 -16.35
CA ASP B 625 -0.18 -32.16 -15.47
C ASP B 625 -1.27 -31.12 -15.68
N LEU B 626 -1.90 -31.10 -16.85
CA LEU B 626 -2.97 -30.13 -17.09
C LEU B 626 -4.18 -30.43 -16.23
N LEU B 627 -4.58 -31.70 -16.14
CA LEU B 627 -5.68 -32.09 -15.26
C LEU B 627 -5.35 -31.80 -13.81
N ARG B 628 -4.11 -32.11 -13.39
CA ARG B 628 -3.71 -31.83 -12.02
C ARG B 628 -3.77 -30.35 -11.73
N VAL B 629 -3.32 -29.52 -12.68
CA VAL B 629 -3.38 -28.07 -12.48
C VAL B 629 -4.82 -27.62 -12.36
N ALA B 630 -5.70 -28.16 -13.21
CA ALA B 630 -7.11 -27.79 -13.14
C ALA B 630 -7.69 -28.12 -11.77
N ILE B 631 -7.45 -29.34 -11.28
CA ILE B 631 -8.04 -29.74 -10.01
C ILE B 631 -7.47 -28.93 -8.87
N VAL B 632 -6.15 -28.76 -8.84
CA VAL B 632 -5.52 -28.02 -7.75
C VAL B 632 -5.99 -26.56 -7.76
N GLN B 633 -6.15 -25.98 -8.93
CA GLN B 633 -6.71 -24.63 -9.03
C GLN B 633 -8.13 -24.60 -8.47
N ALA B 634 -8.94 -25.60 -8.81
CA ALA B 634 -10.28 -25.68 -8.24
C ALA B 634 -10.25 -25.82 -6.73
N ALA B 635 -9.14 -26.34 -6.18
CA ALA B 635 -9.00 -26.50 -4.74
C ALA B 635 -8.45 -25.26 -4.04
N LEU B 636 -8.25 -24.16 -4.77
CA LEU B 636 -7.73 -22.94 -4.18
C LEU B 636 -8.75 -22.33 -3.23
N PRO B 637 -8.31 -21.44 -2.34
CA PRO B 637 -9.26 -20.77 -1.46
C PRO B 637 -10.21 -19.88 -2.24
N GLN B 638 -11.37 -19.64 -1.65
CA GLN B 638 -12.43 -18.92 -2.34
C GLN B 638 -12.01 -17.47 -2.60
N GLY B 639 -12.38 -16.97 -3.78
CA GLY B 639 -11.95 -15.66 -4.20
C GLY B 639 -12.59 -14.55 -3.40
N ILE B 640 -12.05 -13.34 -3.59
CA ILE B 640 -12.47 -12.17 -2.83
C ILE B 640 -13.57 -11.39 -3.53
N VAL B 641 -13.46 -11.20 -4.85
CA VAL B 641 -14.47 -10.41 -5.57
C VAL B 641 -15.86 -10.97 -5.34
N PRO B 642 -16.10 -12.29 -5.41
CA PRO B 642 -17.43 -12.78 -5.05
C PRO B 642 -17.82 -12.42 -3.63
N PHE B 643 -16.87 -12.45 -2.71
CA PHE B 643 -17.16 -11.97 -1.36
C PHE B 643 -17.52 -10.50 -1.37
N VAL B 644 -16.82 -9.69 -2.17
CA VAL B 644 -17.14 -8.28 -2.22
C VAL B 644 -18.58 -8.09 -2.67
N PHE B 645 -18.95 -8.72 -3.80
CA PHE B 645 -20.30 -8.57 -4.30
C PHE B 645 -21.32 -9.04 -3.27
N ALA B 646 -21.03 -10.15 -2.58
CA ALA B 646 -21.93 -10.60 -1.53
C ALA B 646 -22.07 -9.54 -0.45
N LYS B 647 -20.99 -8.81 -0.16
CA LYS B 647 -21.04 -7.80 0.89
C LYS B 647 -21.90 -6.61 0.47
N GLU B 648 -21.65 -6.06 -0.72
CA GLU B 648 -22.48 -4.93 -1.16
C GLU B 648 -23.94 -5.33 -1.37
N TYR B 649 -24.19 -6.58 -1.73
CA TYR B 649 -25.56 -7.07 -1.90
C TYR B 649 -26.08 -7.78 -0.67
N ASN B 650 -25.30 -7.84 0.41
CA ASN B 650 -25.73 -8.42 1.68
C ASN B 650 -26.41 -9.77 1.46
N VAL B 651 -25.74 -10.64 0.73
CA VAL B 651 -26.25 -11.96 0.42
C VAL B 651 -25.24 -12.98 0.97
N HIS B 652 -25.55 -13.53 2.13
CA HIS B 652 -24.66 -14.46 2.83
C HIS B 652 -23.22 -13.92 2.89
N PRO B 653 -23.03 -12.66 3.27
CA PRO B 653 -21.67 -12.13 3.34
C PRO B 653 -20.79 -12.84 4.35
N ALA B 654 -21.37 -13.33 5.44
CA ALA B 654 -20.58 -14.06 6.43
C ALA B 654 -20.04 -15.36 5.86
N ILE B 655 -20.86 -16.06 5.05
CA ILE B 655 -20.40 -17.28 4.42
C ILE B 655 -19.17 -17.00 3.56
N LEU B 656 -19.22 -15.93 2.78
CA LEU B 656 -18.11 -15.60 1.91
C LEU B 656 -16.90 -15.14 2.70
N SER B 657 -17.10 -14.40 3.79
CA SER B 657 -15.98 -14.00 4.64
C SER B 657 -15.27 -15.22 5.19
N THR B 658 -16.04 -16.16 5.75
CA THR B 658 -15.45 -17.40 6.26
C THR B 658 -14.72 -18.13 5.15
N GLY B 659 -15.39 -18.36 4.02
CA GLY B 659 -14.74 -18.96 2.88
C GLY B 659 -13.39 -18.34 2.65
N VAL B 660 -13.38 -17.04 2.32
CA VAL B 660 -12.14 -16.38 1.94
C VAL B 660 -11.06 -16.59 2.98
N ILE B 661 -11.28 -16.08 4.20
CA ILE B 661 -10.19 -16.02 5.16
C ILE B 661 -9.84 -17.42 5.67
N PHE B 662 -10.83 -18.17 6.14
CA PHE B 662 -10.56 -19.50 6.69
C PHE B 662 -9.87 -20.38 5.66
N GLY B 663 -10.42 -20.45 4.44
CA GLY B 663 -9.76 -21.22 3.41
C GLY B 663 -8.35 -20.73 3.14
N MET B 664 -8.14 -19.40 3.20
CA MET B 664 -6.80 -18.89 2.99
C MET B 664 -5.81 -19.48 3.99
N LEU B 665 -6.16 -19.49 5.28
CA LEU B 665 -5.22 -20.03 6.25
C LEU B 665 -5.41 -21.53 6.51
N ILE B 666 -6.22 -22.22 5.71
CA ILE B 666 -6.18 -23.68 5.68
C ILE B 666 -6.07 -24.15 4.24
N ALA B 667 -5.68 -23.24 3.33
CA ALA B 667 -5.51 -23.62 1.93
C ALA B 667 -4.25 -24.46 1.72
N LEU B 668 -3.18 -24.20 2.48
CA LEU B 668 -1.97 -24.99 2.31
C LEU B 668 -2.16 -26.46 2.61
N PRO B 669 -2.68 -26.88 3.77
CA PRO B 669 -2.83 -28.32 4.00
C PRO B 669 -3.68 -29.00 2.95
N ILE B 670 -4.82 -28.40 2.59
CA ILE B 670 -5.73 -29.03 1.66
C ILE B 670 -5.12 -29.07 0.26
N THR B 671 -4.56 -27.96 -0.20
CA THR B 671 -3.96 -27.91 -1.53
C THR B 671 -2.77 -28.85 -1.64
N LEU B 672 -1.94 -28.92 -0.60
CA LEU B 672 -0.84 -29.87 -0.61
C LEU B 672 -1.37 -31.29 -0.70
N VAL B 673 -2.24 -31.68 0.24
CA VAL B 673 -2.85 -33.00 0.20
C VAL B 673 -3.32 -33.32 -1.21
N TYR B 674 -3.96 -32.34 -1.87
CA TYR B 674 -4.40 -32.56 -3.24
C TYR B 674 -3.23 -32.84 -4.16
N TYR B 675 -2.16 -32.05 -4.03
CA TYR B 675 -1.01 -32.21 -4.91
C TYR B 675 -0.33 -33.56 -4.73
N ILE B 676 -0.09 -33.94 -3.47
CA ILE B 676 0.52 -35.25 -3.19
C ILE B 676 -0.39 -36.37 -3.69
N LEU B 677 -1.69 -36.27 -3.42
CA LEU B 677 -2.60 -37.34 -3.84
C LEU B 677 -2.63 -37.47 -5.35
N LEU B 678 -2.63 -36.35 -6.08
CA LEU B 678 -2.63 -36.41 -7.53
C LEU B 678 -1.28 -36.87 -8.06
N GLY B 679 -0.21 -36.65 -7.31
CA GLY B 679 1.11 -37.10 -7.73
C GLY B 679 1.30 -38.59 -7.68
N LEU B 680 0.52 -39.29 -6.85
CA LEU B 680 0.62 -40.74 -6.74
C LEU B 680 0.20 -41.41 -8.04
C IAC C . 16.06 7.48 5.56
C1 IAC C . 15.06 8.23 4.83
C2 IAC C . 13.73 7.85 4.99
C3 IAC C . 13.41 6.77 5.84
C4 IAC C . 14.43 6.08 6.52
C5 IAC C . 15.74 6.45 6.38
C7 IAC C . 15.81 9.22 4.11
C8 IAC C . 17.14 9.15 4.32
C17 IAC C . 15.17 10.24 3.18
C18 IAC C . 13.94 10.84 3.84
N IAC C . 17.29 8.11 5.19
O2 IAC C . 13.88 10.93 5.10
O3 IAC C . 12.99 11.27 3.14
H2 IAC C . 13.05 8.30 4.54
H3 IAC C . 12.52 6.51 5.95
H4 IAC C . 14.20 5.37 7.09
H5 IAC C . 16.41 5.99 6.83
H8 IAC C . 17.75 9.64 3.98
H171 IAC C . 15.80 10.93 2.99
H172 IAC C . 14.92 9.83 2.37
HN IAC C . 18.06 7.85 5.50
C IAC D . -10.02 -11.31 -10.79
C1 IAC D . -9.79 -11.56 -9.39
C2 IAC D . -9.61 -10.46 -8.56
C3 IAC D . -9.63 -9.16 -9.12
C4 IAC D . -9.86 -8.98 -10.49
C5 IAC D . -10.05 -10.06 -11.32
C7 IAC D . -9.85 -12.99 -9.27
C8 IAC D . -10.08 -13.63 -10.44
C17 IAC D . -9.67 -13.74 -7.94
C18 IAC D . -10.48 -13.05 -6.85
N IAC D . -10.17 -12.62 -11.36
O2 IAC D . -11.53 -12.42 -7.14
O3 IAC D . -10.08 -13.11 -5.66
H2 IAC D . -9.47 -10.57 -7.65
H3 IAC D . -9.51 -8.42 -8.57
H4 IAC D . -9.87 -8.13 -10.85
H5 IAC D . -10.19 -9.94 -12.22
H8 IAC D . -10.14 -14.47 -10.57
H171 IAC D . -9.97 -14.62 -8.05
H172 IAC D . -8.76 -13.74 -7.72
HN IAC D . -10.33 -12.76 -12.20
#